data_7THQ
#
_entry.id   7THQ
#
_cell.length_a   65.730
_cell.length_b   132.680
_cell.length_c   140.940
_cell.angle_alpha   90.000
_cell.angle_beta   90.000
_cell.angle_gamma   90.000
#
_symmetry.space_group_name_H-M   'P 21 21 21'
#
loop_
_entity.id
_entity.type
_entity.pdbx_description
1 polymer 'L-proline--[L-prolyl-carrier protein] ligase'
2 polymer 'Probable acyl carrier protein PigG'
3 non-polymer 'AZIDE ION'
4 non-polymer "5'-deoxy-5'-({(2S)-2-({2-[(N-{(2R)-4-[(dioxo-lambda~5~-phosphanyl)oxy]-2-hydroxy-3,3-dimethylbutanoyl}-beta-alanyl)amino]ethyl}sulfanyl)-2-[(2S)-pyrrolidin-2-yl]ethanesulfonyl}amino)adenosine"
5 water water
#
loop_
_entity_poly.entity_id
_entity_poly.type
_entity_poly.pdbx_seq_one_letter_code
_entity_poly.pdbx_strand_id
1 'polypeptide(L)'
;MKLLHERMMHSLARYPRQTAVVDEQDALSYEALELRIREFVAMLCALGVGQGQRILLWAHKSVDLVAVMQAALRLGVVYV
PVDPLSPVSRLEKIAGDSQAVLVLCTAARLEELAGSALAQVRSVVLDDPASAGYWRNIDTGSSVVPTLAIQPDDLAYILY
TSGSTGVPKGVALSHGNALAFVDWACERYCFQPGERFANHAPLHFDLSVLDIYCALNVGATVCLVPESIAFSPRLLTDFI
RQHEISIWYSVPSVLMMMMQDGDLLSDIQDTLRVLLFAGEPFPVKHLRDLRAAYADVRLANLFGPTETNVCTAFEVGAID
PERVLPVPIGTAASGNQVWAQKPDGSRCAVGEEGELVVQGPTVMLGYFAKPAQEGPYKTGDMVRQRPDGNYEYLGRRDDM
LKVRGNRIERGEVEAALLAHPQVSEAAVLVVGEGMNAQLWGVLVAHTRDALSLIDLKRHCAQRLPRYMIIDKVLCLDALP
RNANGKVDRFALARQVEGKLAAALEHHHHHHHH
;
B,A
2 'polypeptide(L)'
;MLESKLINHIATQFLDGEKDGLDSQTPLFELNIVDSAAIFDLVDFLRQESKVSIGMQEIHPANFATVQSMVALVQRLKAH
PEQGGAAWEHHHHHH
;
E,C
#
loop_
_chem_comp.id
_chem_comp.type
_chem_comp.name
_chem_comp.formula
AZI non-polymer 'AZIDE ION' 'N3 -1'
I5M non-polymer 5'-deoxy-5'-({(2S)-2-({2-[(N-{(2R)-4-[(dioxo-lambda~5~-phosphanyl)oxy]-2-hydroxy-3,3-dimethylbutanoyl}-beta-alanyl)amino]ethyl}sulfanyl)-2-[(2S)-pyrrolidin-2-yl]ethanesulfonyl}amino)adenosine 'C27 H44 N9 O11 P S2'
#
# COMPACT_ATOMS: atom_id res chain seq x y z
N MET A 1 -30.42 -17.49 12.83
CA MET A 1 -30.74 -16.19 12.23
C MET A 1 -29.59 -15.22 12.39
N LYS A 2 -28.41 -15.77 12.70
CA LYS A 2 -27.18 -14.98 12.82
C LYS A 2 -26.42 -14.89 11.51
N LEU A 3 -26.98 -15.41 10.42
CA LEU A 3 -26.34 -15.41 9.12
C LEU A 3 -27.24 -14.72 8.10
N LEU A 4 -26.59 -14.02 7.16
CA LEU A 4 -27.32 -13.23 6.17
C LEU A 4 -28.29 -14.09 5.35
N HIS A 5 -27.79 -15.21 4.81
CA HIS A 5 -28.65 -16.00 3.93
C HIS A 5 -29.84 -16.59 4.66
N GLU A 6 -29.73 -16.75 5.99
CA GLU A 6 -30.87 -17.23 6.76
C GLU A 6 -31.99 -16.20 6.84
N ARG A 7 -31.68 -14.92 6.66
CA ARG A 7 -32.71 -13.89 6.75
C ARG A 7 -33.72 -13.99 5.62
N MET A 8 -33.26 -14.23 4.37
CA MET A 8 -34.24 -14.32 3.28
C MET A 8 -35.01 -15.62 3.35
N MET A 9 -34.41 -16.70 3.87
CA MET A 9 -35.17 -17.94 4.04
C MET A 9 -36.32 -17.73 5.02
N HIS A 10 -36.05 -17.04 6.14
CA HIS A 10 -37.12 -16.69 7.05
C HIS A 10 -38.22 -15.89 6.36
N SER A 11 -37.84 -14.93 5.53
CA SER A 11 -38.85 -14.16 4.81
C SER A 11 -39.55 -15.01 3.76
N LEU A 12 -38.81 -15.89 3.08
CA LEU A 12 -39.44 -16.82 2.14
C LEU A 12 -40.47 -17.69 2.83
N ALA A 13 -40.16 -18.14 4.06
CA ALA A 13 -41.09 -18.98 4.80
C ALA A 13 -42.35 -18.23 5.16
N ARG A 14 -42.24 -16.92 5.41
CA ARG A 14 -43.41 -16.12 5.77
C ARG A 14 -44.17 -15.62 4.54
N TYR A 15 -43.47 -15.29 3.45
CA TYR A 15 -44.05 -14.53 2.34
C TYR A 15 -43.65 -15.13 1.00
N PRO A 16 -44.00 -16.39 0.74
CA PRO A 16 -43.50 -17.03 -0.50
C PRO A 16 -44.03 -16.39 -1.78
N ARG A 17 -45.30 -15.99 -1.81
CA ARG A 17 -45.90 -15.42 -3.01
C ARG A 17 -45.66 -13.93 -3.16
N GLN A 18 -44.87 -13.31 -2.28
CA GLN A 18 -44.68 -11.87 -2.32
C GLN A 18 -43.44 -11.55 -3.15
N THR A 19 -43.48 -10.39 -3.81
CA THR A 19 -42.43 -10.04 -4.76
C THR A 19 -41.15 -9.71 -4.00
N ALA A 20 -40.08 -10.44 -4.30
CA ALA A 20 -38.81 -10.28 -3.59
C ALA A 20 -37.90 -9.25 -4.26
N VAL A 21 -37.74 -9.33 -5.58
CA VAL A 21 -36.76 -8.53 -6.29
C VAL A 21 -37.27 -8.23 -7.69
N VAL A 22 -36.99 -7.01 -8.18
CA VAL A 22 -37.49 -6.52 -9.46
C VAL A 22 -36.34 -5.91 -10.22
N ASP A 23 -36.21 -6.28 -11.50
CA ASP A 23 -35.36 -5.54 -12.43
C ASP A 23 -36.14 -5.28 -13.72
N GLU A 24 -35.45 -4.84 -14.78
CA GLU A 24 -36.13 -4.57 -16.04
C GLU A 24 -36.83 -5.80 -16.59
N GLN A 25 -36.10 -6.92 -16.70
CA GLN A 25 -36.65 -8.10 -17.36
C GLN A 25 -37.64 -8.83 -16.46
N ASP A 26 -37.19 -9.25 -15.28
CA ASP A 26 -37.97 -10.16 -14.45
C ASP A 26 -38.36 -9.51 -13.14
N ALA A 27 -39.32 -10.14 -12.46
CA ALA A 27 -39.76 -9.76 -11.13
C ALA A 27 -40.06 -11.07 -10.42
N LEU A 28 -39.26 -11.38 -9.41
CA LEU A 28 -39.25 -12.70 -8.80
C LEU A 28 -39.97 -12.68 -7.47
N SER A 29 -40.92 -13.60 -7.30
CA SER A 29 -41.45 -13.85 -5.97
C SER A 29 -40.33 -14.39 -5.10
N TYR A 30 -40.59 -14.45 -3.79
CA TYR A 30 -39.63 -15.09 -2.90
C TYR A 30 -39.41 -16.55 -3.30
N GLU A 31 -40.48 -17.23 -3.72
CA GLU A 31 -40.33 -18.60 -4.21
C GLU A 31 -39.50 -18.66 -5.48
N ALA A 32 -39.75 -17.75 -6.42
CA ALA A 32 -38.99 -17.76 -7.67
C ALA A 32 -37.52 -17.42 -7.42
N LEU A 33 -37.25 -16.48 -6.52
CA LEU A 33 -35.87 -16.20 -6.14
C LEU A 33 -35.23 -17.43 -5.50
N GLU A 34 -35.99 -18.15 -4.67
CA GLU A 34 -35.50 -19.37 -4.05
C GLU A 34 -35.06 -20.38 -5.10
N LEU A 35 -35.92 -20.64 -6.09
CA LEU A 35 -35.56 -21.53 -7.18
C LEU A 35 -34.30 -21.06 -7.89
N ARG A 36 -34.23 -19.75 -8.18
CA ARG A 36 -33.04 -19.20 -8.82
C ARG A 36 -31.79 -19.38 -7.97
N ILE A 37 -31.91 -19.14 -6.66
CA ILE A 37 -30.76 -19.32 -5.76
C ILE A 37 -30.26 -20.76 -5.83
N ARG A 38 -31.19 -21.72 -5.82
CA ARG A 38 -30.82 -23.12 -5.82
C ARG A 38 -30.10 -23.51 -7.11
N GLU A 39 -30.45 -22.89 -8.24
CA GLU A 39 -29.70 -23.14 -9.46
C GLU A 39 -28.26 -22.66 -9.34
N PHE A 40 -28.05 -21.49 -8.72
CA PHE A 40 -26.70 -20.99 -8.57
C PHE A 40 -25.90 -21.77 -7.54
N VAL A 41 -26.56 -22.26 -6.48
CA VAL A 41 -25.90 -23.14 -5.54
C VAL A 41 -25.41 -24.39 -6.26
N ALA A 42 -26.29 -25.02 -7.03
CA ALA A 42 -25.90 -26.19 -7.83
C ALA A 42 -24.75 -25.86 -8.77
N MET A 43 -24.80 -24.68 -9.41
CA MET A 43 -23.73 -24.28 -10.33
C MET A 43 -22.39 -24.19 -9.61
N LEU A 44 -22.36 -23.46 -8.49
CA LEU A 44 -21.11 -23.24 -7.77
C LEU A 44 -20.50 -24.57 -7.30
N CYS A 45 -21.33 -25.49 -6.82
CA CYS A 45 -20.84 -26.81 -6.45
C CYS A 45 -20.28 -27.55 -7.67
N ALA A 46 -21.03 -27.56 -8.78
CA ALA A 46 -20.57 -28.24 -9.99
C ALA A 46 -19.22 -27.70 -10.47
N LEU A 47 -18.92 -26.44 -10.18
CA LEU A 47 -17.65 -25.83 -10.53
C LEU A 47 -16.57 -26.07 -9.49
N GLY A 48 -16.89 -26.74 -8.38
CA GLY A 48 -15.94 -26.94 -7.32
C GLY A 48 -15.50 -25.70 -6.58
N VAL A 49 -16.38 -24.70 -6.46
CA VAL A 49 -16.09 -23.49 -5.71
C VAL A 49 -16.51 -23.74 -4.27
N GLY A 50 -15.54 -23.77 -3.35
CA GLY A 50 -15.76 -24.21 -1.99
C GLY A 50 -15.74 -23.08 -0.98
N GLN A 51 -16.10 -23.44 0.25
CA GLN A 51 -16.14 -22.52 1.38
C GLN A 51 -14.84 -21.74 1.52
N GLY A 52 -14.96 -20.41 1.54
CA GLY A 52 -13.82 -19.53 1.71
C GLY A 52 -13.31 -18.91 0.42
N GLN A 53 -13.59 -19.53 -0.73
CA GLN A 53 -13.10 -19.04 -2.00
C GLN A 53 -13.86 -17.81 -2.46
N ARG A 54 -13.20 -17.02 -3.29
CA ARG A 54 -13.71 -15.73 -3.74
C ARG A 54 -14.16 -15.81 -5.19
N ILE A 55 -15.27 -15.13 -5.50
CA ILE A 55 -15.74 -15.01 -6.87
C ILE A 55 -16.03 -13.54 -7.15
N LEU A 56 -15.76 -13.12 -8.38
CA LEU A 56 -15.97 -11.75 -8.82
C LEU A 56 -17.31 -11.63 -9.56
N LEU A 57 -18.12 -10.67 -9.14
CA LEU A 57 -19.36 -10.33 -9.85
C LEU A 57 -19.07 -9.08 -10.66
N TRP A 58 -18.76 -9.26 -11.93
CA TRP A 58 -18.37 -8.18 -12.84
C TRP A 58 -19.47 -7.99 -13.89
N ALA A 59 -20.60 -7.48 -13.43
CA ALA A 59 -21.80 -7.40 -14.26
C ALA A 59 -22.76 -6.41 -13.64
N HIS A 60 -23.66 -5.89 -14.48
CA HIS A 60 -24.65 -4.95 -13.99
C HIS A 60 -25.68 -5.68 -13.15
N LYS A 61 -26.29 -4.94 -12.22
CA LYS A 61 -27.24 -5.53 -11.29
C LYS A 61 -28.41 -6.16 -12.04
N SER A 62 -28.92 -7.24 -11.46
CA SER A 62 -30.05 -7.99 -12.00
C SER A 62 -30.57 -8.88 -10.89
N VAL A 63 -31.72 -9.52 -11.12
CA VAL A 63 -32.22 -10.49 -10.16
C VAL A 63 -31.26 -11.68 -10.06
N ASP A 64 -30.62 -12.06 -11.18
CA ASP A 64 -29.67 -13.16 -11.14
C ASP A 64 -28.49 -12.84 -10.22
N LEU A 65 -28.01 -11.60 -10.26
CA LEU A 65 -26.91 -11.22 -9.38
C LEU A 65 -27.31 -11.32 -7.91
N VAL A 66 -28.53 -10.90 -7.59
CA VAL A 66 -29.02 -11.05 -6.22
C VAL A 66 -29.08 -12.53 -5.83
N ALA A 67 -29.51 -13.38 -6.75
CA ALA A 67 -29.54 -14.81 -6.48
C ALA A 67 -28.14 -15.36 -6.27
N VAL A 68 -27.18 -14.92 -7.11
CA VAL A 68 -25.79 -15.34 -6.96
C VAL A 68 -25.29 -15.04 -5.56
N MET A 69 -25.60 -13.84 -5.06
CA MET A 69 -25.13 -13.44 -3.74
C MET A 69 -25.68 -14.35 -2.65
N GLN A 70 -26.99 -14.62 -2.68
CA GLN A 70 -27.59 -15.53 -1.72
C GLN A 70 -26.97 -16.92 -1.82
N ALA A 71 -26.76 -17.39 -3.05
CA ALA A 71 -26.18 -18.72 -3.26
C ALA A 71 -24.77 -18.80 -2.67
N ALA A 72 -23.94 -17.80 -2.96
CA ALA A 72 -22.57 -17.79 -2.44
C ALA A 72 -22.56 -17.71 -0.92
N LEU A 73 -23.50 -16.96 -0.34
CA LEU A 73 -23.60 -16.91 1.12
C LEU A 73 -23.92 -18.28 1.69
N ARG A 74 -24.80 -19.04 1.01
CA ARG A 74 -25.20 -20.34 1.52
C ARG A 74 -24.05 -21.34 1.52
N LEU A 75 -23.06 -21.14 0.64
CA LEU A 75 -21.93 -22.04 0.52
C LEU A 75 -20.68 -21.52 1.23
N GLY A 76 -20.81 -20.44 1.99
CA GLY A 76 -19.63 -19.80 2.56
C GLY A 76 -18.66 -19.28 1.53
N VAL A 77 -19.15 -18.97 0.33
CA VAL A 77 -18.31 -18.44 -0.75
C VAL A 77 -18.34 -16.93 -0.69
N VAL A 78 -17.17 -16.31 -0.68
CA VAL A 78 -17.03 -14.87 -0.53
C VAL A 78 -17.22 -14.23 -1.91
N TYR A 79 -18.28 -13.45 -2.08
CA TYR A 79 -18.49 -12.75 -3.34
C TYR A 79 -17.89 -11.35 -3.30
N VAL A 80 -17.40 -10.91 -4.45
CA VAL A 80 -16.64 -9.66 -4.57
C VAL A 80 -17.22 -8.84 -5.71
N PRO A 81 -18.08 -7.86 -5.44
CA PRO A 81 -18.66 -7.06 -6.53
C PRO A 81 -17.61 -6.17 -7.16
N VAL A 82 -17.58 -6.15 -8.49
CA VAL A 82 -16.66 -5.33 -9.26
C VAL A 82 -17.46 -4.46 -10.22
N ASP A 83 -17.10 -3.18 -10.29
CA ASP A 83 -17.74 -2.22 -11.18
C ASP A 83 -17.73 -2.77 -12.61
N PRO A 84 -18.89 -3.00 -13.21
CA PRO A 84 -18.90 -3.50 -14.60
C PRO A 84 -18.28 -2.53 -15.59
N LEU A 85 -18.27 -1.24 -15.28
CA LEU A 85 -17.64 -0.24 -16.13
C LEU A 85 -16.17 -0.04 -15.78
N SER A 86 -15.61 -0.86 -14.90
CA SER A 86 -14.23 -0.70 -14.53
C SER A 86 -13.35 -1.33 -15.60
N PRO A 87 -12.17 -0.75 -15.85
CA PRO A 87 -11.29 -1.32 -16.88
C PRO A 87 -10.68 -2.64 -16.44
N VAL A 88 -10.37 -3.47 -17.44
CA VAL A 88 -9.83 -4.81 -17.20
C VAL A 88 -8.61 -4.74 -16.27
N SER A 89 -7.71 -3.78 -16.54
CA SER A 89 -6.51 -3.62 -15.73
C SER A 89 -6.81 -3.47 -14.24
N ARG A 90 -7.91 -2.82 -13.88
CA ARG A 90 -8.25 -2.70 -12.48
C ARG A 90 -8.91 -3.97 -11.97
N LEU A 91 -9.74 -4.59 -12.81
CA LEU A 91 -10.23 -5.94 -12.52
C LEU A 91 -9.07 -6.91 -12.29
N GLU A 92 -7.99 -6.76 -13.08
CA GLU A 92 -6.81 -7.58 -12.90
C GLU A 92 -6.25 -7.44 -11.48
N LYS A 93 -6.03 -6.20 -11.04
CA LYS A 93 -5.50 -5.95 -9.70
C LYS A 93 -6.42 -6.53 -8.62
N ILE A 94 -7.74 -6.50 -8.84
CA ILE A 94 -8.66 -7.04 -7.85
C ILE A 94 -8.65 -8.56 -7.87
N ALA A 95 -8.64 -9.15 -9.07
CA ALA A 95 -8.54 -10.61 -9.16
C ALA A 95 -7.28 -11.13 -8.47
N GLY A 96 -6.16 -10.43 -8.64
CA GLY A 96 -4.93 -10.85 -7.98
C GLY A 96 -5.01 -10.73 -6.47
N ASP A 97 -5.59 -9.63 -5.97
CA ASP A 97 -5.64 -9.42 -4.53
C ASP A 97 -6.54 -10.45 -3.86
N SER A 98 -7.72 -10.70 -4.44
CA SER A 98 -8.67 -11.65 -3.87
C SER A 98 -8.33 -13.10 -4.19
N GLN A 99 -7.49 -13.35 -5.19
CA GLN A 99 -7.25 -14.68 -5.75
C GLN A 99 -8.57 -15.37 -6.09
N ALA A 100 -9.43 -14.65 -6.80
CA ALA A 100 -10.70 -15.23 -7.15
C ALA A 100 -10.50 -16.44 -8.05
N VAL A 101 -11.40 -17.41 -7.91
CA VAL A 101 -11.36 -18.64 -8.67
C VAL A 101 -12.43 -18.66 -9.75
N LEU A 102 -13.12 -17.54 -9.95
CA LEU A 102 -14.28 -17.50 -10.84
C LEU A 102 -14.70 -16.07 -11.13
N VAL A 103 -14.98 -15.76 -12.40
CA VAL A 103 -15.49 -14.45 -12.80
C VAL A 103 -16.87 -14.64 -13.42
N LEU A 104 -17.85 -13.90 -12.92
CA LEU A 104 -19.19 -13.85 -13.48
C LEU A 104 -19.31 -12.53 -14.24
N CYS A 105 -19.64 -12.61 -15.53
CA CYS A 105 -19.59 -11.43 -16.39
C CYS A 105 -20.49 -11.64 -17.60
N THR A 106 -20.58 -10.58 -18.41
CA THR A 106 -21.27 -10.64 -19.68
C THR A 106 -20.37 -11.25 -20.75
N ALA A 107 -20.99 -11.72 -21.83
CA ALA A 107 -20.22 -12.32 -22.91
C ALA A 107 -19.34 -11.28 -23.59
N ALA A 108 -19.85 -10.06 -23.75
CA ALA A 108 -19.10 -8.94 -24.30
C ALA A 108 -17.69 -8.82 -23.72
N ARG A 109 -17.55 -8.95 -22.41
CA ARG A 109 -16.27 -8.67 -21.76
C ARG A 109 -15.41 -9.92 -21.58
N LEU A 110 -15.86 -11.08 -22.03
CA LEU A 110 -14.94 -12.23 -22.14
C LEU A 110 -13.79 -11.91 -23.07
N GLU A 111 -14.11 -11.32 -24.22
CA GLU A 111 -13.08 -10.98 -25.21
C GLU A 111 -11.94 -10.17 -24.60
N GLU A 112 -12.23 -9.25 -23.69
CA GLU A 112 -11.15 -8.44 -23.14
C GLU A 112 -10.35 -9.30 -22.17
N LEU A 113 -11.01 -10.30 -21.56
CA LEU A 113 -10.36 -11.18 -20.57
C LEU A 113 -9.39 -12.16 -21.20
N ALA A 114 -9.60 -12.51 -22.48
CA ALA A 114 -8.69 -13.45 -23.15
C ALA A 114 -7.27 -12.89 -23.18
N GLY A 115 -7.13 -11.59 -23.40
CA GLY A 115 -5.82 -10.95 -23.36
C GLY A 115 -5.38 -10.46 -21.99
N SER A 116 -6.05 -10.90 -20.93
CA SER A 116 -5.81 -10.38 -19.60
C SER A 116 -4.94 -11.34 -18.78
N ALA A 117 -4.59 -10.90 -17.57
CA ALA A 117 -3.88 -11.71 -16.59
C ALA A 117 -4.81 -12.64 -15.82
N LEU A 118 -6.09 -12.64 -16.15
CA LEU A 118 -7.08 -13.56 -15.62
C LEU A 118 -7.80 -14.28 -16.76
N ALA A 119 -7.02 -14.62 -17.80
CA ALA A 119 -7.47 -15.51 -18.86
C ALA A 119 -7.56 -16.96 -18.39
N GLN A 120 -6.83 -17.32 -17.34
CA GLN A 120 -6.84 -18.69 -16.83
C GLN A 120 -7.88 -18.90 -15.74
N VAL A 121 -8.32 -17.82 -15.08
CA VAL A 121 -9.43 -17.92 -14.14
C VAL A 121 -10.69 -18.36 -14.88
N ARG A 122 -11.42 -19.30 -14.30
CA ARG A 122 -12.68 -19.72 -14.88
C ARG A 122 -13.67 -18.55 -14.89
N SER A 123 -14.42 -18.45 -15.98
CA SER A 123 -15.43 -17.41 -16.15
C SER A 123 -16.73 -18.03 -16.62
N VAL A 124 -17.85 -17.44 -16.20
CA VAL A 124 -19.17 -17.85 -16.66
C VAL A 124 -19.92 -16.62 -17.12
N VAL A 125 -20.73 -16.81 -18.17
CA VAL A 125 -21.48 -15.73 -18.81
C VAL A 125 -22.88 -15.71 -18.23
N LEU A 126 -23.33 -14.52 -17.81
CA LEU A 126 -24.63 -14.37 -17.18
C LEU A 126 -25.74 -14.03 -18.17
N ASP A 127 -25.43 -13.36 -19.28
CA ASP A 127 -26.44 -12.73 -20.11
C ASP A 127 -26.77 -13.50 -21.39
N ASP A 128 -25.79 -14.06 -22.07
CA ASP A 128 -26.00 -14.53 -23.44
C ASP A 128 -26.12 -16.05 -23.50
N PRO A 129 -27.32 -16.60 -23.69
CA PRO A 129 -27.48 -18.06 -23.77
C PRO A 129 -26.69 -18.72 -24.90
N ALA A 130 -26.14 -17.95 -25.84
CA ALA A 130 -25.39 -18.53 -26.95
C ALA A 130 -23.93 -18.80 -26.60
N SER A 131 -23.47 -18.37 -25.43
CA SER A 131 -22.09 -18.60 -25.03
C SER A 131 -21.95 -20.02 -24.45
N ALA A 132 -20.83 -20.66 -24.79
CA ALA A 132 -20.50 -21.93 -24.17
C ALA A 132 -20.36 -21.78 -22.66
N GLY A 133 -19.97 -20.58 -22.21
CA GLY A 133 -19.83 -20.27 -20.81
C GLY A 133 -21.09 -19.84 -20.10
N TYR A 134 -22.22 -19.82 -20.79
CA TYR A 134 -23.50 -19.49 -20.15
C TYR A 134 -23.70 -20.34 -18.91
N TRP A 135 -24.07 -19.69 -17.80
CA TRP A 135 -24.08 -20.37 -16.51
C TRP A 135 -25.02 -21.57 -16.51
N ARG A 136 -26.10 -21.51 -17.28
CA ARG A 136 -27.07 -22.60 -17.30
C ARG A 136 -26.54 -23.83 -18.02
N ASN A 137 -25.58 -23.66 -18.94
CA ASN A 137 -25.02 -24.80 -19.67
C ASN A 137 -24.11 -25.66 -18.82
N ILE A 138 -23.66 -25.18 -17.66
CA ILE A 138 -22.88 -26.03 -16.76
C ILE A 138 -23.77 -27.14 -16.23
N ASP A 139 -23.32 -28.38 -16.36
CA ASP A 139 -24.13 -29.53 -15.99
C ASP A 139 -24.09 -29.72 -14.48
N THR A 140 -25.27 -29.70 -13.85
CA THR A 140 -25.42 -29.81 -12.41
C THR A 140 -25.90 -31.19 -11.97
N GLY A 141 -25.86 -32.18 -12.87
CA GLY A 141 -26.42 -33.49 -12.55
C GLY A 141 -25.78 -34.12 -11.32
N SER A 142 -24.45 -34.19 -11.30
CA SER A 142 -23.72 -34.78 -10.19
C SER A 142 -23.39 -33.78 -9.08
N SER A 143 -23.92 -32.56 -9.15
CA SER A 143 -23.71 -31.61 -8.08
C SER A 143 -24.38 -32.12 -6.81
N VAL A 144 -23.73 -31.93 -5.67
CA VAL A 144 -24.30 -32.29 -4.38
C VAL A 144 -24.03 -31.14 -3.41
N VAL A 145 -25.08 -30.67 -2.74
CA VAL A 145 -25.01 -29.53 -1.84
C VAL A 145 -24.54 -29.95 -0.46
N PRO A 146 -23.43 -29.41 0.04
CA PRO A 146 -22.91 -29.85 1.33
C PRO A 146 -23.64 -29.17 2.48
N THR A 147 -23.38 -29.67 3.68
CA THR A 147 -23.82 -29.03 4.91
C THR A 147 -22.61 -28.38 5.57
N LEU A 148 -22.74 -27.10 5.92
CA LEU A 148 -21.61 -26.32 6.38
C LEU A 148 -21.85 -25.75 7.77
N ALA A 149 -20.74 -25.48 8.46
CA ALA A 149 -20.73 -24.79 9.73
C ALA A 149 -20.20 -23.38 9.45
N ILE A 150 -21.11 -22.42 9.38
CA ILE A 150 -20.77 -21.03 9.10
C ILE A 150 -21.08 -20.20 10.33
N GLN A 151 -20.08 -19.44 10.81
CA GLN A 151 -20.19 -18.61 11.99
C GLN A 151 -20.49 -17.16 11.61
N PRO A 152 -21.18 -16.41 12.49
CA PRO A 152 -21.66 -15.08 12.08
C PRO A 152 -20.55 -14.09 11.79
N ASP A 153 -19.37 -14.30 12.36
CA ASP A 153 -18.18 -13.53 12.05
C ASP A 153 -17.23 -14.22 11.04
N ASP A 154 -17.76 -15.14 10.23
CA ASP A 154 -17.08 -15.61 9.02
C ASP A 154 -17.24 -14.57 7.90
N LEU A 155 -16.22 -14.48 7.05
CA LEU A 155 -16.23 -13.52 5.94
C LEU A 155 -17.36 -13.81 4.95
N ALA A 156 -18.15 -12.78 4.66
CA ALA A 156 -19.28 -12.91 3.73
C ALA A 156 -18.99 -12.32 2.35
N TYR A 157 -18.46 -11.10 2.28
CA TYR A 157 -18.19 -10.47 0.99
C TYR A 157 -17.09 -9.42 1.18
N ILE A 158 -16.52 -8.98 0.07
CA ILE A 158 -15.46 -7.98 0.06
C ILE A 158 -15.90 -6.82 -0.84
N LEU A 159 -15.81 -5.61 -0.32
CA LEU A 159 -16.04 -4.40 -1.11
C LEU A 159 -14.72 -3.67 -1.25
N TYR A 160 -14.22 -3.58 -2.48
CA TYR A 160 -12.94 -2.92 -2.72
C TYR A 160 -13.10 -1.41 -2.79
N THR A 161 -12.14 -0.71 -2.21
CA THR A 161 -12.08 0.74 -2.18
C THR A 161 -10.80 1.20 -2.86
N SER A 162 -10.76 2.49 -3.21
CA SER A 162 -9.56 3.06 -3.79
C SER A 162 -8.37 2.87 -2.86
N GLY A 163 -7.22 2.55 -3.44
CA GLY A 163 -6.00 2.31 -2.68
C GLY A 163 -4.94 3.34 -3.01
N SER A 164 -4.23 3.80 -1.98
CA SER A 164 -3.22 4.85 -2.13
C SER A 164 -2.10 4.46 -3.08
N THR A 165 -1.85 3.17 -3.27
CA THR A 165 -0.76 2.71 -4.14
C THR A 165 -1.18 2.52 -5.59
N GLY A 166 -2.49 2.46 -5.87
CA GLY A 166 -3.00 2.05 -7.16
C GLY A 166 -3.68 0.70 -7.13
N VAL A 167 -3.39 -0.11 -6.12
CA VAL A 167 -4.05 -1.41 -5.93
C VAL A 167 -5.25 -1.18 -5.01
N PRO A 168 -6.47 -1.49 -5.45
CA PRO A 168 -7.62 -1.29 -4.57
C PRO A 168 -7.51 -2.14 -3.32
N LYS A 169 -8.11 -1.63 -2.24
CA LYS A 169 -8.09 -2.29 -0.94
C LYS A 169 -9.44 -2.95 -0.70
N GLY A 170 -9.42 -4.19 -0.26
CA GLY A 170 -10.66 -4.94 -0.05
C GLY A 170 -11.15 -4.94 1.38
N VAL A 171 -12.30 -4.30 1.63
CA VAL A 171 -12.90 -4.29 2.95
C VAL A 171 -13.61 -5.63 3.16
N ALA A 172 -13.05 -6.47 4.02
CA ALA A 172 -13.57 -7.82 4.25
C ALA A 172 -14.63 -7.76 5.36
N LEU A 173 -15.86 -8.13 5.02
CA LEU A 173 -17.02 -7.89 5.87
C LEU A 173 -17.68 -9.22 6.24
N SER A 174 -17.96 -9.39 7.52
CA SER A 174 -18.55 -10.62 8.05
C SER A 174 -20.07 -10.59 7.99
N HIS A 175 -20.68 -11.76 8.22
CA HIS A 175 -22.12 -11.81 8.43
C HIS A 175 -22.51 -10.88 9.57
N GLY A 176 -21.74 -10.89 10.66
CA GLY A 176 -22.05 -10.01 11.78
C GLY A 176 -21.93 -8.55 11.44
N ASN A 177 -20.98 -8.19 10.58
CA ASN A 177 -20.84 -6.80 10.16
C ASN A 177 -22.09 -6.31 9.44
N ALA A 178 -22.57 -7.09 8.48
CA ALA A 178 -23.74 -6.66 7.69
C ALA A 178 -25.00 -6.64 8.55
N LEU A 179 -25.16 -7.64 9.42
CA LEU A 179 -26.42 -7.77 10.16
C LEU A 179 -26.54 -6.76 11.28
N ALA A 180 -25.42 -6.27 11.82
CA ALA A 180 -25.50 -5.20 12.80
C ALA A 180 -26.09 -3.94 12.17
N PHE A 181 -25.66 -3.62 10.94
CA PHE A 181 -26.22 -2.48 10.23
C PHE A 181 -27.66 -2.75 9.81
N VAL A 182 -27.90 -3.91 9.20
CA VAL A 182 -29.24 -4.24 8.70
C VAL A 182 -30.26 -4.21 9.85
N ASP A 183 -29.93 -4.85 10.97
CA ASP A 183 -30.85 -4.86 12.10
C ASP A 183 -31.04 -3.47 12.68
N TRP A 184 -29.96 -2.67 12.75
CA TRP A 184 -30.10 -1.32 13.26
C TRP A 184 -31.04 -0.50 12.37
N ALA A 185 -30.82 -0.53 11.05
CA ALA A 185 -31.66 0.22 10.13
C ALA A 185 -33.11 -0.23 10.23
N CYS A 186 -33.34 -1.54 10.29
CA CYS A 186 -34.70 -2.05 10.32
C CYS A 186 -35.44 -1.63 11.59
N GLU A 187 -34.73 -1.55 12.72
CA GLU A 187 -35.37 -1.11 13.96
C GLU A 187 -35.59 0.40 13.98
N ARG A 188 -34.63 1.17 13.46
CA ARG A 188 -34.70 2.62 13.54
C ARG A 188 -35.78 3.17 12.63
N TYR A 189 -35.91 2.62 11.42
CA TYR A 189 -36.83 3.16 10.42
C TYR A 189 -38.06 2.30 10.25
N CYS A 190 -38.19 1.23 11.02
CA CYS A 190 -39.35 0.35 11.01
CA CYS A 190 -39.34 0.33 11.01
C CYS A 190 -39.74 -0.04 9.58
N PHE A 191 -38.79 -0.67 8.88
CA PHE A 191 -39.11 -1.24 7.58
C PHE A 191 -40.13 -2.35 7.77
N GLN A 192 -41.12 -2.38 6.88
CA GLN A 192 -42.26 -3.25 7.05
C GLN A 192 -42.39 -4.21 5.87
N PRO A 193 -43.08 -5.34 6.07
CA PRO A 193 -43.36 -6.24 4.94
C PRO A 193 -44.07 -5.52 3.81
N GLY A 194 -43.66 -5.82 2.58
CA GLY A 194 -44.34 -5.31 1.41
C GLY A 194 -43.96 -3.90 1.01
N GLU A 195 -43.11 -3.22 1.78
CA GLU A 195 -42.57 -1.95 1.32
C GLU A 195 -41.68 -2.18 0.11
N ARG A 196 -41.48 -1.13 -0.67
CA ARG A 196 -40.65 -1.20 -1.86
C ARG A 196 -39.39 -0.36 -1.65
N PHE A 197 -38.24 -1.02 -1.70
CA PHE A 197 -36.94 -0.36 -1.62
C PHE A 197 -36.46 -0.09 -3.04
N ALA A 198 -35.87 1.09 -3.23
CA ALA A 198 -35.13 1.39 -4.44
C ALA A 198 -33.66 1.09 -4.21
N ASN A 199 -33.05 0.32 -5.12
CA ASN A 199 -31.60 0.10 -5.12
C ASN A 199 -31.01 1.01 -6.19
N HIS A 200 -30.59 2.20 -5.79
CA HIS A 200 -29.94 3.08 -6.75
C HIS A 200 -28.46 2.77 -6.88
N ALA A 201 -27.77 2.59 -5.76
CA ALA A 201 -26.32 2.42 -5.78
C ALA A 201 -25.96 1.11 -6.46
N PRO A 202 -24.81 1.07 -7.14
CA PRO A 202 -24.31 -0.22 -7.65
C PRO A 202 -23.92 -1.15 -6.52
N LEU A 203 -23.87 -2.44 -6.84
CA LEU A 203 -23.65 -3.46 -5.83
C LEU A 203 -22.27 -3.38 -5.20
N HIS A 204 -21.32 -2.68 -5.82
CA HIS A 204 -19.97 -2.58 -5.29
C HIS A 204 -19.79 -1.39 -4.36
N PHE A 205 -20.87 -0.69 -4.03
CA PHE A 205 -20.88 0.34 -3.00
C PHE A 205 -21.82 -0.13 -1.89
N ASP A 206 -21.46 0.17 -0.63
CA ASP A 206 -22.18 -0.47 0.47
C ASP A 206 -23.59 0.08 0.68
N LEU A 207 -24.03 1.11 -0.07
CA LEU A 207 -25.41 1.54 0.06
C LEU A 207 -26.38 0.44 -0.35
N SER A 208 -25.97 -0.42 -1.29
CA SER A 208 -26.82 -1.52 -1.74
C SER A 208 -27.04 -2.56 -0.66
N VAL A 209 -26.20 -2.59 0.39
CA VAL A 209 -26.41 -3.52 1.49
C VAL A 209 -27.75 -3.26 2.16
N LEU A 210 -28.10 -1.99 2.37
CA LEU A 210 -29.39 -1.66 2.95
C LEU A 210 -30.51 -1.97 1.96
N ASP A 211 -30.38 -1.50 0.72
CA ASP A 211 -31.45 -1.66 -0.26
C ASP A 211 -31.85 -3.12 -0.41
N ILE A 212 -30.86 -4.00 -0.52
CA ILE A 212 -31.13 -5.41 -0.80
C ILE A 212 -31.36 -6.23 0.46
N TYR A 213 -30.46 -6.15 1.44
CA TYR A 213 -30.55 -7.06 2.58
C TYR A 213 -31.62 -6.65 3.59
N CYS A 214 -31.87 -5.36 3.77
CA CYS A 214 -33.00 -4.96 4.61
C CYS A 214 -34.33 -5.39 3.98
N ALA A 215 -34.45 -5.30 2.66
CA ALA A 215 -35.68 -5.71 1.99
C ALA A 215 -35.93 -7.20 2.16
N LEU A 216 -34.91 -8.02 1.94
CA LEU A 216 -35.06 -9.46 2.10
C LEU A 216 -35.19 -9.85 3.56
N ASN A 217 -34.79 -8.97 4.48
CA ASN A 217 -34.89 -9.25 5.91
C ASN A 217 -36.31 -9.11 6.45
N VAL A 218 -37.15 -8.27 5.85
CA VAL A 218 -38.47 -7.98 6.38
C VAL A 218 -39.59 -8.45 5.46
N GLY A 219 -39.25 -9.19 4.41
CA GLY A 219 -40.26 -9.61 3.45
C GLY A 219 -40.74 -8.52 2.52
N ALA A 220 -39.90 -7.53 2.26
CA ALA A 220 -40.23 -6.44 1.34
C ALA A 220 -39.65 -6.71 -0.05
N THR A 221 -39.77 -5.72 -0.92
CA THR A 221 -39.34 -5.83 -2.31
C THR A 221 -38.19 -4.85 -2.57
N VAL A 222 -37.15 -5.32 -3.24
CA VAL A 222 -36.08 -4.45 -3.72
C VAL A 222 -36.23 -4.26 -5.23
N CYS A 223 -36.23 -3.00 -5.65
CA CYS A 223 -36.38 -2.64 -7.05
C CYS A 223 -35.05 -2.10 -7.57
N LEU A 224 -34.46 -2.81 -8.52
CA LEU A 224 -33.12 -2.48 -9.01
C LEU A 224 -33.23 -1.38 -10.06
N VAL A 225 -32.57 -0.26 -9.81
CA VAL A 225 -32.57 0.85 -10.77
C VAL A 225 -31.58 0.56 -11.89
N PRO A 226 -32.05 0.47 -13.13
CA PRO A 226 -31.15 0.29 -14.27
C PRO A 226 -30.45 1.59 -14.66
N GLU A 227 -29.23 1.44 -15.18
CA GLU A 227 -28.45 2.62 -15.56
C GLU A 227 -29.17 3.49 -16.58
N SER A 228 -29.96 2.88 -17.46
CA SER A 228 -30.72 3.65 -18.45
C SER A 228 -31.73 4.58 -17.78
N ILE A 229 -32.26 4.19 -16.63
CA ILE A 229 -33.25 5.03 -15.94
C ILE A 229 -32.55 5.94 -14.94
N ALA A 230 -31.41 5.51 -14.40
CA ALA A 230 -30.64 6.32 -13.47
C ALA A 230 -30.12 7.60 -14.10
N PHE A 231 -30.19 7.72 -15.43
CA PHE A 231 -29.50 8.76 -16.18
C PHE A 231 -30.44 9.86 -16.65
N SER A 232 -31.74 9.61 -16.65
CA SER A 232 -32.73 10.67 -16.80
C SER A 232 -33.33 10.97 -15.44
N PRO A 233 -32.98 12.09 -14.80
CA PRO A 233 -33.57 12.37 -13.48
C PRO A 233 -35.08 12.36 -13.52
N ARG A 234 -35.67 12.79 -14.64
CA ARG A 234 -37.12 12.70 -14.78
C ARG A 234 -37.59 11.26 -14.79
N LEU A 235 -36.77 10.34 -15.32
CA LEU A 235 -37.15 8.93 -15.29
C LEU A 235 -36.89 8.30 -13.93
N LEU A 236 -35.84 8.72 -13.21
CA LEU A 236 -35.64 8.27 -11.84
C LEU A 236 -36.86 8.56 -10.97
N THR A 237 -37.37 9.79 -11.03
CA THR A 237 -38.52 10.14 -10.21
C THR A 237 -39.79 9.44 -10.69
N ASP A 238 -39.91 9.18 -12.00
CA ASP A 238 -41.02 8.37 -12.47
C ASP A 238 -40.87 6.92 -12.05
N PHE A 239 -39.61 6.46 -11.93
CA PHE A 239 -39.36 5.12 -11.40
C PHE A 239 -39.95 4.97 -10.01
N ILE A 240 -39.73 5.96 -9.14
CA ILE A 240 -40.28 5.92 -7.79
C ILE A 240 -41.80 5.73 -7.82
N ARG A 241 -42.49 6.47 -8.68
CA ARG A 241 -43.94 6.38 -8.71
C ARG A 241 -44.43 5.04 -9.27
N GLN A 242 -43.84 4.58 -10.37
CA GLN A 242 -44.36 3.37 -11.01
C GLN A 242 -44.16 2.14 -10.13
N HIS A 243 -43.07 2.10 -9.35
CA HIS A 243 -42.81 0.98 -8.46
C HIS A 243 -43.27 1.25 -7.03
N GLU A 244 -43.97 2.36 -6.79
CA GLU A 244 -44.45 2.74 -5.47
C GLU A 244 -43.34 2.63 -4.43
N ILE A 245 -42.20 3.27 -4.74
CA ILE A 245 -41.05 3.24 -3.83
C ILE A 245 -41.41 3.95 -2.54
N SER A 246 -41.02 3.36 -1.40
CA SER A 246 -41.20 4.00 -0.11
C SER A 246 -39.91 4.25 0.66
N ILE A 247 -38.83 3.52 0.37
CA ILE A 247 -37.52 3.78 0.96
C ILE A 247 -36.54 4.13 -0.14
N TRP A 248 -35.81 5.22 0.04
CA TRP A 248 -34.82 5.70 -0.90
C TRP A 248 -33.50 5.94 -0.18
N TYR A 249 -32.40 5.56 -0.82
CA TYR A 249 -31.07 5.65 -0.22
C TYR A 249 -30.07 5.98 -1.32
N SER A 250 -29.44 7.15 -1.22
CA SER A 250 -28.51 7.61 -2.26
C SER A 250 -27.61 8.68 -1.68
N VAL A 251 -26.57 9.01 -2.43
CA VAL A 251 -25.76 10.19 -2.12
C VAL A 251 -26.58 11.44 -2.43
N PRO A 252 -26.28 12.56 -1.79
CA PRO A 252 -27.02 13.80 -2.06
C PRO A 252 -27.01 14.23 -3.52
N SER A 253 -25.92 13.98 -4.25
CA SER A 253 -25.85 14.42 -5.64
C SER A 253 -27.00 13.85 -6.47
N VAL A 254 -27.38 12.61 -6.21
CA VAL A 254 -28.50 12.00 -6.92
C VAL A 254 -29.79 12.77 -6.63
N LEU A 255 -30.05 13.05 -5.35
CA LEU A 255 -31.24 13.80 -4.97
C LEU A 255 -31.25 15.19 -5.59
N MET A 256 -30.07 15.79 -5.78
CA MET A 256 -30.02 17.14 -6.35
C MET A 256 -30.35 17.13 -7.84
N MET A 257 -29.86 16.13 -8.58
CA MET A 257 -30.25 15.99 -9.98
C MET A 257 -31.75 15.77 -10.11
N MET A 258 -32.34 14.98 -9.20
CA MET A 258 -33.78 14.77 -9.24
C MET A 258 -34.54 16.02 -8.88
N MET A 259 -33.96 16.88 -8.04
CA MET A 259 -34.60 18.16 -7.74
C MET A 259 -34.47 19.13 -8.90
N GLN A 260 -33.27 19.21 -9.50
CA GLN A 260 -33.05 20.16 -10.58
C GLN A 260 -33.87 19.81 -11.81
N ASP A 261 -33.83 18.54 -12.23
CA ASP A 261 -34.41 18.18 -13.52
C ASP A 261 -35.42 17.03 -13.47
N GLY A 262 -35.75 16.51 -12.29
CA GLY A 262 -36.69 15.42 -12.17
C GLY A 262 -38.03 15.78 -11.58
N ASP A 263 -38.32 17.07 -11.36
CA ASP A 263 -39.59 17.54 -10.81
C ASP A 263 -39.84 17.00 -9.41
N LEU A 264 -38.78 16.63 -8.68
CA LEU A 264 -38.96 15.98 -7.39
C LEU A 264 -39.66 16.88 -6.39
N LEU A 265 -39.44 18.20 -6.47
CA LEU A 265 -40.06 19.14 -5.54
C LEU A 265 -41.44 19.63 -5.97
N SER A 266 -41.80 19.50 -7.24
CA SER A 266 -43.09 19.96 -7.74
C SER A 266 -44.05 18.81 -8.01
N ASP A 267 -43.53 17.69 -8.54
CA ASP A 267 -44.32 16.48 -8.77
C ASP A 267 -44.02 15.58 -7.57
N ILE A 268 -44.80 15.75 -6.50
CA ILE A 268 -44.44 15.18 -5.20
C ILE A 268 -44.59 13.67 -5.21
N GLN A 269 -43.51 12.98 -4.86
CA GLN A 269 -43.52 11.51 -4.77
C GLN A 269 -44.02 11.14 -3.38
N ASP A 270 -45.33 10.95 -3.27
CA ASP A 270 -46.01 10.76 -2.00
C ASP A 270 -45.97 9.35 -1.46
N THR A 271 -45.36 8.39 -2.19
CA THR A 271 -45.18 7.06 -1.62
C THR A 271 -43.91 6.97 -0.78
N LEU A 272 -43.01 7.95 -0.93
CA LEU A 272 -41.81 7.97 -0.11
C LEU A 272 -42.17 8.11 1.36
N ARG A 273 -41.59 7.24 2.18
CA ARG A 273 -41.76 7.28 3.63
C ARG A 273 -40.46 7.52 4.37
N VAL A 274 -39.36 6.99 3.86
CA VAL A 274 -38.04 7.10 4.47
C VAL A 274 -37.09 7.52 3.36
N LEU A 275 -36.33 8.59 3.59
CA LEU A 275 -35.48 9.14 2.54
C LEU A 275 -34.11 9.33 3.18
N LEU A 276 -33.21 8.40 2.92
CA LEU A 276 -31.90 8.38 3.54
C LEU A 276 -30.85 8.85 2.54
N PHE A 277 -29.88 9.61 3.02
CA PHE A 277 -28.76 10.01 2.18
C PHE A 277 -27.47 9.88 2.98
N ALA A 278 -26.37 9.72 2.25
CA ALA A 278 -25.09 9.42 2.87
C ALA A 278 -23.98 9.67 1.86
N GLY A 279 -22.74 9.62 2.36
CA GLY A 279 -21.56 9.60 1.52
C GLY A 279 -20.87 10.93 1.36
N GLU A 280 -21.58 12.04 1.52
CA GLU A 280 -21.01 13.36 1.28
C GLU A 280 -21.89 14.39 1.96
N PRO A 281 -21.46 15.74 2.23
CA PRO A 281 -22.15 17.12 2.89
C PRO A 281 -23.31 17.29 1.92
N PHE A 282 -24.52 17.43 2.43
CA PHE A 282 -25.67 17.72 1.56
C PHE A 282 -25.83 19.23 1.64
N PRO A 283 -25.51 20.02 0.59
CA PRO A 283 -25.61 21.49 0.58
C PRO A 283 -26.92 21.93 1.25
N VAL A 284 -26.81 22.78 2.25
CA VAL A 284 -27.95 23.04 3.12
C VAL A 284 -29.02 23.83 2.37
N LYS A 285 -28.63 24.67 1.42
CA LYS A 285 -29.60 25.32 0.55
C LYS A 285 -30.54 24.30 -0.08
N HIS A 286 -29.98 23.21 -0.58
CA HIS A 286 -30.79 22.20 -1.27
C HIS A 286 -31.54 21.29 -0.31
N LEU A 287 -30.90 20.88 0.79
CA LEU A 287 -31.63 20.09 1.79
C LEU A 287 -32.82 20.87 2.32
N ARG A 288 -32.70 22.20 2.43
CA ARG A 288 -33.81 23.03 2.86
C ARG A 288 -35.01 22.88 1.93
N ASP A 289 -34.77 22.93 0.61
CA ASP A 289 -35.86 22.75 -0.35
C ASP A 289 -36.43 21.34 -0.28
N LEU A 290 -35.58 20.33 -0.19
CA LEU A 290 -36.06 18.95 -0.09
C LEU A 290 -36.90 18.73 1.15
N ARG A 291 -36.46 19.26 2.29
CA ARG A 291 -37.21 19.08 3.53
C ARG A 291 -38.56 19.79 3.48
N ALA A 292 -38.66 20.91 2.76
CA ALA A 292 -39.93 21.64 2.69
C ALA A 292 -40.95 20.91 1.83
N ALA A 293 -40.49 20.28 0.74
CA ALA A 293 -41.40 19.53 -0.12
C ALA A 293 -41.82 18.21 0.50
N TYR A 294 -40.97 17.60 1.32
CA TYR A 294 -41.24 16.33 1.96
C TYR A 294 -41.15 16.51 3.47
N ALA A 295 -42.10 17.29 4.02
CA ALA A 295 -41.99 17.72 5.40
C ALA A 295 -42.29 16.58 6.37
N ASP A 296 -43.04 15.57 5.93
CA ASP A 296 -43.50 14.51 6.81
C ASP A 296 -42.76 13.19 6.57
N VAL A 297 -41.68 13.23 5.81
CA VAL A 297 -40.89 12.04 5.51
C VAL A 297 -39.80 11.87 6.56
N ARG A 298 -39.56 10.62 7.00
CA ARG A 298 -38.35 10.32 7.74
C ARG A 298 -37.16 10.65 6.84
N LEU A 299 -36.28 11.54 7.30
CA LEU A 299 -35.24 12.02 6.42
C LEU A 299 -33.96 12.02 7.24
N ALA A 300 -32.90 11.38 6.76
CA ALA A 300 -31.77 11.16 7.66
C ALA A 300 -30.42 11.17 6.94
N ASN A 301 -29.42 11.74 7.62
CA ASN A 301 -28.03 11.77 7.19
C ASN A 301 -27.29 10.61 7.83
N LEU A 302 -26.75 9.70 7.02
CA LEU A 302 -26.01 8.54 7.49
C LEU A 302 -24.53 8.67 7.15
N PHE A 303 -23.67 8.24 8.07
CA PHE A 303 -22.24 8.51 7.95
C PHE A 303 -21.42 7.25 8.21
N GLY A 304 -20.30 7.15 7.50
CA GLY A 304 -19.27 6.19 7.81
C GLY A 304 -18.48 5.75 6.59
N PRO A 305 -17.28 5.24 6.81
CA PRO A 305 -16.54 4.62 5.72
C PRO A 305 -17.03 3.20 5.46
N THR A 306 -16.68 2.68 4.29
CA THR A 306 -16.98 1.29 3.96
C THR A 306 -16.47 0.35 5.05
N GLU A 307 -15.31 0.68 5.64
CA GLU A 307 -14.73 -0.12 6.69
C GLU A 307 -15.67 -0.31 7.89
N THR A 308 -16.65 0.59 8.06
CA THR A 308 -17.61 0.47 9.14
C THR A 308 -19.07 0.50 8.70
N ASN A 309 -19.33 0.72 7.42
CA ASN A 309 -20.69 1.06 6.93
C ASN A 309 -21.15 2.28 7.74
N VAL A 310 -22.44 2.37 8.08
CA VAL A 310 -22.96 3.52 8.80
C VAL A 310 -22.60 3.38 10.29
N CYS A 311 -21.69 4.23 10.75
CA CYS A 311 -21.34 4.28 12.17
C CYS A 311 -21.98 5.44 12.91
N THR A 312 -22.61 6.38 12.19
CA THR A 312 -23.22 7.54 12.81
C THR A 312 -24.38 7.98 11.93
N ALA A 313 -25.47 8.40 12.57
CA ALA A 313 -26.67 8.80 11.86
C ALA A 313 -27.33 9.97 12.57
N PHE A 314 -28.04 10.80 11.80
CA PHE A 314 -28.70 11.98 12.33
C PHE A 314 -30.08 12.10 11.70
N GLU A 315 -31.11 12.11 12.53
CA GLU A 315 -32.46 12.33 12.04
C GLU A 315 -32.66 13.81 11.78
N VAL A 316 -33.05 14.16 10.56
CA VAL A 316 -33.17 15.55 10.16
C VAL A 316 -34.52 16.09 10.63
N GLY A 317 -34.48 17.09 11.49
CA GLY A 317 -35.68 17.77 11.95
C GLY A 317 -36.05 18.87 10.99
N ALA A 318 -36.11 20.10 11.47
CA ALA A 318 -36.21 21.26 10.58
C ALA A 318 -34.83 21.71 10.11
N ILE A 319 -34.83 22.59 9.12
CA ILE A 319 -33.61 23.23 8.64
C ILE A 319 -33.78 24.72 8.94
N ASP A 320 -32.97 25.22 9.87
CA ASP A 320 -33.08 26.61 10.27
C ASP A 320 -32.91 27.53 9.06
N PRO A 321 -33.76 28.55 8.91
CA PRO A 321 -33.58 29.52 7.81
C PRO A 321 -32.17 30.07 7.74
N GLU A 322 -31.51 30.25 8.88
CA GLU A 322 -30.19 30.86 8.94
C GLU A 322 -29.03 29.86 8.79
N ARG A 323 -29.31 28.57 8.67
CA ARG A 323 -28.23 27.59 8.66
C ARG A 323 -27.40 27.71 7.40
N VAL A 324 -26.07 27.61 7.56
CA VAL A 324 -25.14 27.68 6.44
C VAL A 324 -24.36 26.37 6.34
N LEU A 325 -24.08 25.74 7.52
CA LEU A 325 -23.27 24.53 7.60
C LEU A 325 -24.14 23.30 7.40
N PRO A 326 -23.60 22.23 6.78
CA PRO A 326 -24.34 20.96 6.67
C PRO A 326 -24.91 20.49 8.00
N VAL A 327 -25.96 19.68 7.94
CA VAL A 327 -26.59 19.14 9.14
C VAL A 327 -25.59 18.21 9.82
N PRO A 328 -25.69 17.98 11.13
CA PRO A 328 -24.73 17.09 11.80
C PRO A 328 -24.79 15.68 11.25
N ILE A 329 -23.73 14.92 11.52
CA ILE A 329 -23.78 13.50 11.21
C ILE A 329 -24.41 12.70 12.34
N GLY A 330 -24.51 13.27 13.55
CA GLY A 330 -25.37 12.71 14.58
C GLY A 330 -24.66 11.94 15.67
N THR A 331 -25.25 10.81 16.07
CA THR A 331 -24.74 9.95 17.13
C THR A 331 -24.52 8.55 16.58
N ALA A 332 -23.94 7.69 17.43
CA ALA A 332 -23.49 6.36 16.99
C ALA A 332 -24.67 5.53 16.47
N ALA A 333 -24.36 4.68 15.49
CA ALA A 333 -25.35 3.83 14.83
C ALA A 333 -24.82 2.41 14.71
N SER A 334 -25.73 1.51 14.32
CA SER A 334 -25.39 0.11 14.01
C SER A 334 -24.77 -0.62 15.20
N GLY A 335 -25.19 -0.27 16.41
CA GLY A 335 -24.69 -0.92 17.61
C GLY A 335 -23.30 -0.52 18.03
N ASN A 336 -22.69 0.48 17.38
CA ASN A 336 -21.32 0.85 17.67
C ASN A 336 -21.22 1.87 18.79
N GLN A 337 -20.00 2.06 19.27
CA GLN A 337 -19.64 3.22 20.07
C GLN A 337 -18.71 4.12 19.27
N VAL A 338 -18.83 5.41 19.51
CA VAL A 338 -18.23 6.46 18.71
C VAL A 338 -17.67 7.54 19.62
N TRP A 339 -16.49 8.06 19.28
CA TRP A 339 -15.92 9.20 19.97
C TRP A 339 -14.88 9.86 19.06
N ALA A 340 -14.55 11.10 19.41
CA ALA A 340 -13.50 11.86 18.73
C ALA A 340 -12.22 11.79 19.55
N GLN A 341 -11.11 11.51 18.88
CA GLN A 341 -9.83 11.24 19.53
C GLN A 341 -8.83 12.37 19.27
N LYS A 342 -8.13 12.78 20.33
CA LYS A 342 -6.96 13.61 20.15
C LYS A 342 -5.81 12.78 19.61
N PRO A 343 -4.78 13.42 19.04
CA PRO A 343 -3.60 12.64 18.62
C PRO A 343 -2.96 11.89 19.77
N ASP A 344 -2.93 12.48 20.96
CA ASP A 344 -2.45 11.79 22.15
C ASP A 344 -3.25 10.55 22.49
N GLY A 345 -4.40 10.35 21.83
CA GLY A 345 -5.21 9.17 22.01
C GLY A 345 -6.38 9.36 22.96
N SER A 346 -6.42 10.47 23.68
CA SER A 346 -7.47 10.73 24.65
C SER A 346 -8.71 11.32 23.98
N ARG A 347 -9.82 11.30 24.72
CA ARG A 347 -11.11 11.73 24.19
C ARG A 347 -11.17 13.25 24.18
N CYS A 348 -11.64 13.81 23.07
CA CYS A 348 -11.77 15.25 22.94
C CYS A 348 -12.85 15.79 23.87
N ALA A 349 -12.67 17.03 24.31
CA ALA A 349 -13.76 17.72 24.98
C ALA A 349 -14.74 18.26 23.95
N VAL A 350 -15.95 18.57 24.40
CA VAL A 350 -16.94 19.18 23.53
C VAL A 350 -16.37 20.43 22.87
N GLY A 351 -16.47 20.51 21.55
CA GLY A 351 -15.92 21.59 20.78
C GLY A 351 -14.55 21.33 20.19
N GLU A 352 -13.81 20.35 20.70
CA GLU A 352 -12.47 20.07 20.21
C GLU A 352 -12.54 19.26 18.93
N GLU A 353 -11.70 19.64 17.95
CA GLU A 353 -11.61 18.84 16.74
C GLU A 353 -10.86 17.56 17.04
N GLY A 354 -11.36 16.45 16.52
CA GLY A 354 -10.67 15.18 16.68
C GLY A 354 -11.06 14.22 15.59
N GLU A 355 -10.37 13.08 15.59
CA GLU A 355 -10.63 12.02 14.63
C GLU A 355 -11.71 11.09 15.14
N LEU A 356 -12.71 10.84 14.30
CA LEU A 356 -13.75 9.89 14.66
C LEU A 356 -13.15 8.50 14.84
N VAL A 357 -13.48 7.87 15.96
CA VAL A 357 -13.04 6.52 16.28
C VAL A 357 -14.28 5.68 16.55
N VAL A 358 -14.30 4.48 15.98
CA VAL A 358 -15.48 3.62 15.99
C VAL A 358 -15.11 2.26 16.59
N GLN A 359 -15.92 1.77 17.52
CA GLN A 359 -15.74 0.44 18.09
C GLN A 359 -17.09 -0.26 18.18
N GLY A 360 -17.18 -1.44 17.58
CA GLY A 360 -18.39 -2.21 17.65
C GLY A 360 -18.59 -3.18 16.50
N PRO A 361 -19.83 -3.65 16.33
CA PRO A 361 -20.05 -4.85 15.49
C PRO A 361 -20.00 -4.63 13.99
N THR A 362 -20.07 -3.40 13.49
CA THR A 362 -19.93 -3.22 12.04
C THR A 362 -18.49 -2.99 11.62
N VAL A 363 -17.57 -2.80 12.57
CA VAL A 363 -16.17 -2.66 12.23
C VAL A 363 -15.73 -3.91 11.48
N MET A 364 -15.13 -3.69 10.31
CA MET A 364 -14.72 -4.74 9.38
C MET A 364 -13.81 -5.78 10.02
N LEU A 365 -13.76 -6.97 9.42
CA LEU A 365 -12.76 -7.96 9.83
C LEU A 365 -11.35 -7.45 9.56
N GLY A 366 -11.19 -6.63 8.53
CA GLY A 366 -9.89 -6.11 8.14
C GLY A 366 -9.82 -6.08 6.63
N TYR A 367 -8.71 -5.60 6.07
CA TYR A 367 -8.56 -5.68 4.63
C TYR A 367 -8.24 -7.12 4.22
N PHE A 368 -8.83 -7.55 3.11
CA PHE A 368 -8.65 -8.93 2.69
C PHE A 368 -7.19 -9.23 2.39
N ALA A 369 -6.75 -10.41 2.80
CA ALA A 369 -5.37 -10.88 2.62
C ALA A 369 -4.38 -10.00 3.36
N LYS A 370 -4.84 -9.27 4.36
CA LYS A 370 -4.01 -8.43 5.21
C LYS A 370 -4.37 -8.70 6.66
N PRO A 371 -3.50 -8.33 7.61
CA PRO A 371 -3.75 -8.72 9.01
C PRO A 371 -5.05 -8.16 9.53
N ALA A 372 -5.67 -8.92 10.43
CA ALA A 372 -6.99 -8.58 10.91
C ALA A 372 -6.99 -7.25 11.68
N GLN A 373 -8.09 -6.53 11.58
CA GLN A 373 -8.32 -5.35 12.38
C GLN A 373 -8.47 -5.75 13.85
N GLU A 374 -7.69 -5.12 14.72
CA GLU A 374 -7.84 -5.27 16.16
C GLU A 374 -8.10 -3.91 16.79
N GLY A 375 -9.10 -3.87 17.68
CA GLY A 375 -9.41 -2.68 18.41
C GLY A 375 -10.29 -1.72 17.65
N PRO A 376 -10.49 -0.52 18.22
CA PRO A 376 -11.31 0.49 17.55
C PRO A 376 -10.68 0.93 16.23
N TYR A 377 -11.54 1.33 15.30
CA TYR A 377 -11.12 1.77 13.97
C TYR A 377 -10.99 3.29 13.95
N LYS A 378 -9.80 3.78 13.60
CA LYS A 378 -9.62 5.20 13.34
C LYS A 378 -10.02 5.47 11.89
N THR A 379 -11.03 6.31 11.71
CA THR A 379 -11.65 6.51 10.40
C THR A 379 -10.90 7.49 9.51
N GLY A 380 -10.11 8.39 10.09
CA GLY A 380 -9.51 9.46 9.32
C GLY A 380 -10.42 10.63 9.00
N ASP A 381 -11.64 10.64 9.56
CA ASP A 381 -12.60 11.72 9.33
C ASP A 381 -12.57 12.65 10.53
N MET A 382 -12.24 13.91 10.28
CA MET A 382 -12.17 14.86 11.39
C MET A 382 -13.57 15.32 11.77
N VAL A 383 -13.81 15.43 13.08
CA VAL A 383 -15.14 15.68 13.60
C VAL A 383 -15.05 16.56 14.84
N ARG A 384 -16.18 17.18 15.20
CA ARG A 384 -16.31 18.03 16.36
C ARG A 384 -17.68 17.79 16.98
N GLN A 385 -17.72 17.64 18.31
CA GLN A 385 -18.97 17.39 19.01
C GLN A 385 -19.60 18.70 19.46
N ARG A 386 -20.90 18.84 19.20
CA ARG A 386 -21.66 20.01 19.60
C ARG A 386 -22.12 19.87 21.04
N PRO A 387 -22.46 20.99 21.69
CA PRO A 387 -22.99 20.89 23.07
C PRO A 387 -24.13 19.90 23.21
N ASP A 388 -24.96 19.70 22.18
CA ASP A 388 -26.04 18.75 22.27
C ASP A 388 -25.59 17.30 22.11
N GLY A 389 -24.30 17.05 21.88
CA GLY A 389 -23.77 15.71 21.79
C GLY A 389 -23.61 15.19 20.37
N ASN A 390 -24.29 15.79 19.40
CA ASN A 390 -24.17 15.36 18.02
C ASN A 390 -22.83 15.79 17.45
N TYR A 391 -22.28 14.95 16.58
CA TYR A 391 -21.02 15.25 15.92
C TYR A 391 -21.26 15.94 14.59
N GLU A 392 -20.32 16.81 14.22
CA GLU A 392 -20.33 17.47 12.93
C GLU A 392 -19.08 17.07 12.16
N TYR A 393 -19.26 16.79 10.87
CA TYR A 393 -18.15 16.39 10.02
C TYR A 393 -17.41 17.62 9.51
N LEU A 394 -16.08 17.56 9.52
CA LEU A 394 -15.25 18.68 9.12
C LEU A 394 -14.43 18.45 7.86
N GLY A 395 -14.24 17.21 7.46
CA GLY A 395 -13.35 16.87 6.37
C GLY A 395 -12.26 15.92 6.83
N ARG A 396 -11.30 15.69 5.95
CA ARG A 396 -10.20 14.78 6.21
C ARG A 396 -8.88 15.52 6.15
N ARG A 397 -7.86 14.93 6.77
CA ARG A 397 -6.50 15.44 6.67
C ARG A 397 -5.63 14.66 5.70
N ASP A 398 -6.03 13.44 5.35
CA ASP A 398 -5.22 12.56 4.51
C ASP A 398 -5.52 12.81 3.04
N ASP A 399 -5.22 11.83 2.17
CA ASP A 399 -5.34 12.00 0.74
C ASP A 399 -6.55 11.27 0.14
N MET A 400 -7.54 10.90 0.97
CA MET A 400 -8.81 10.43 0.45
C MET A 400 -9.63 11.62 -0.05
N LEU A 401 -10.14 11.51 -1.27
CA LEU A 401 -10.93 12.56 -1.88
C LEU A 401 -12.35 12.08 -2.11
N LYS A 402 -13.27 13.04 -2.26
CA LYS A 402 -14.65 12.73 -2.60
C LYS A 402 -15.08 13.64 -3.75
N VAL A 403 -15.64 13.04 -4.80
CA VAL A 403 -16.27 13.79 -5.89
C VAL A 403 -17.65 13.19 -6.11
N ARG A 404 -18.69 13.93 -5.77
CA ARG A 404 -20.07 13.48 -5.87
C ARG A 404 -20.25 12.10 -5.22
N GLY A 405 -19.67 11.96 -4.03
CA GLY A 405 -19.85 10.76 -3.22
C GLY A 405 -18.84 9.65 -3.49
N ASN A 406 -18.05 9.77 -4.56
CA ASN A 406 -17.11 8.71 -4.94
C ASN A 406 -15.81 8.87 -4.18
N ARG A 407 -15.41 7.81 -3.48
CA ARG A 407 -14.16 7.79 -2.73
C ARG A 407 -12.98 7.61 -3.67
N ILE A 408 -12.03 8.54 -3.64
CA ILE A 408 -10.89 8.56 -4.54
C ILE A 408 -9.62 8.83 -3.75
N GLU A 409 -8.69 7.88 -3.76
CA GLU A 409 -7.37 8.11 -3.20
C GLU A 409 -6.53 8.91 -4.19
N ARG A 410 -5.90 9.98 -3.72
CA ARG A 410 -4.99 10.75 -4.58
C ARG A 410 -3.95 9.85 -5.22
N GLY A 411 -3.48 8.84 -4.48
CA GLY A 411 -2.41 7.99 -4.98
C GLY A 411 -2.83 7.05 -6.09
N GLU A 412 -4.09 6.61 -6.09
CA GLU A 412 -4.57 5.81 -7.21
C GLU A 412 -4.52 6.59 -8.52
N VAL A 413 -4.97 7.84 -8.49
CA VAL A 413 -4.98 8.65 -9.71
C VAL A 413 -3.55 9.07 -10.08
N GLU A 414 -2.79 9.54 -9.08
CA GLU A 414 -1.39 9.91 -9.32
C GLU A 414 -0.62 8.78 -9.96
N ALA A 415 -0.86 7.54 -9.51
CA ALA A 415 -0.15 6.40 -10.08
C ALA A 415 -0.46 6.21 -11.56
N ALA A 416 -1.73 6.35 -11.95
CA ALA A 416 -2.08 6.25 -13.36
C ALA A 416 -1.47 7.40 -14.16
N LEU A 417 -1.45 8.61 -13.61
CA LEU A 417 -0.91 9.75 -14.33
C LEU A 417 0.60 9.67 -14.45
N LEU A 418 1.28 9.25 -13.38
CA LEU A 418 2.74 9.20 -13.40
C LEU A 418 3.24 8.16 -14.40
N ALA A 419 2.43 7.12 -14.64
CA ALA A 419 2.78 6.06 -15.59
C ALA A 419 2.80 6.55 -17.04
N HIS A 420 2.25 7.73 -17.33
CA HIS A 420 2.33 8.29 -18.67
C HIS A 420 3.79 8.58 -19.01
N PRO A 421 4.25 8.23 -20.21
CA PRO A 421 5.67 8.44 -20.55
C PRO A 421 6.14 9.88 -20.40
N GLN A 422 5.26 10.87 -20.56
CA GLN A 422 5.68 12.26 -20.52
C GLN A 422 5.52 12.89 -19.14
N VAL A 423 4.81 12.25 -18.21
CA VAL A 423 4.59 12.80 -16.88
C VAL A 423 5.73 12.39 -15.97
N SER A 424 6.37 13.38 -15.35
CA SER A 424 7.50 13.18 -14.44
C SER A 424 7.04 13.10 -12.99
N GLU A 425 6.31 14.12 -12.53
CA GLU A 425 5.70 14.15 -11.21
C GLU A 425 4.23 14.49 -11.35
N ALA A 426 3.44 14.17 -10.33
CA ALA A 426 2.00 14.36 -10.40
C ALA A 426 1.40 14.57 -9.01
N ALA A 427 0.49 15.53 -8.91
CA ALA A 427 -0.32 15.75 -7.72
C ALA A 427 -1.77 15.96 -8.13
N VAL A 428 -2.69 15.36 -7.39
CA VAL A 428 -4.12 15.42 -7.68
C VAL A 428 -4.82 16.11 -6.53
N LEU A 429 -5.76 17.01 -6.85
CA LEU A 429 -6.56 17.67 -5.83
C LEU A 429 -7.91 18.03 -6.42
N VAL A 430 -8.91 18.14 -5.54
CA VAL A 430 -10.26 18.51 -5.92
C VAL A 430 -10.44 20.01 -5.72
N VAL A 431 -11.02 20.67 -6.70
CA VAL A 431 -11.27 22.11 -6.66
C VAL A 431 -12.77 22.33 -6.88
N GLY A 432 -13.40 23.06 -5.97
CA GLY A 432 -14.83 23.22 -6.01
C GLY A 432 -15.54 22.26 -5.05
N GLU A 433 -16.73 22.67 -4.63
CA GLU A 433 -17.56 21.86 -3.75
C GLU A 433 -18.83 21.39 -4.45
N GLY A 434 -19.38 20.27 -3.96
CA GLY A 434 -20.66 19.79 -4.45
C GLY A 434 -20.61 19.40 -5.91
N MET A 435 -21.67 19.77 -6.64
CA MET A 435 -21.79 19.43 -8.05
C MET A 435 -20.82 20.22 -8.92
N ASN A 436 -20.14 21.21 -8.35
CA ASN A 436 -19.15 22.00 -9.06
C ASN A 436 -17.73 21.51 -8.81
N ALA A 437 -17.56 20.47 -8.00
CA ALA A 437 -16.25 19.90 -7.72
C ALA A 437 -15.64 19.31 -8.98
N GLN A 438 -14.36 19.61 -9.20
CA GLN A 438 -13.64 19.12 -10.38
C GLN A 438 -12.34 18.47 -9.95
N LEU A 439 -12.01 17.34 -10.60
CA LEU A 439 -10.77 16.62 -10.33
C LEU A 439 -9.66 17.21 -11.18
N TRP A 440 -8.63 17.74 -10.51
CA TRP A 440 -7.51 18.38 -11.17
C TRP A 440 -6.25 17.53 -11.07
N GLY A 441 -5.49 17.50 -12.16
CA GLY A 441 -4.16 16.92 -12.14
C GLY A 441 -3.11 18.01 -12.32
N VAL A 442 -2.22 18.13 -11.34
CA VAL A 442 -1.11 19.06 -11.41
C VAL A 442 0.15 18.25 -11.72
N LEU A 443 0.73 18.48 -12.88
CA LEU A 443 1.77 17.61 -13.41
C LEU A 443 3.06 18.37 -13.71
N VAL A 444 4.14 17.60 -13.83
CA VAL A 444 5.42 18.08 -14.33
C VAL A 444 5.76 17.26 -15.55
N ALA A 445 5.96 17.94 -16.69
CA ALA A 445 6.21 17.27 -17.96
C ALA A 445 7.71 17.07 -18.18
N HIS A 446 8.06 15.91 -18.72
CA HIS A 446 9.47 15.65 -19.03
C HIS A 446 9.98 16.56 -20.14
N THR A 447 9.22 16.68 -21.23
CA THR A 447 9.64 17.45 -22.39
C THR A 447 8.59 18.48 -22.78
N ARG A 448 9.04 19.47 -23.56
CA ARG A 448 8.23 20.57 -24.08
C ARG A 448 7.11 21.01 -23.13
N ASP A 449 5.93 21.22 -23.70
CA ASP A 449 4.73 21.50 -22.91
C ASP A 449 3.52 20.87 -23.56
N ALA A 450 3.70 19.98 -24.54
CA ALA A 450 2.64 19.40 -25.36
C ALA A 450 2.13 18.12 -24.73
N LEU A 451 1.16 18.27 -23.82
CA LEU A 451 0.45 17.13 -23.26
C LEU A 451 -1.03 17.34 -23.58
N SER A 452 -1.63 16.40 -24.30
CA SER A 452 -3.02 16.52 -24.67
C SER A 452 -3.88 16.07 -23.50
N LEU A 453 -4.81 16.91 -23.09
CA LEU A 453 -5.74 16.50 -22.05
C LEU A 453 -6.51 15.26 -22.47
N ILE A 454 -6.82 15.12 -23.76
CA ILE A 454 -7.51 13.93 -24.23
C ILE A 454 -6.59 12.71 -24.20
N ASP A 455 -5.33 12.87 -24.65
CA ASP A 455 -4.39 11.77 -24.56
C ASP A 455 -4.19 11.34 -23.10
N LEU A 456 -4.19 12.31 -22.18
CA LEU A 456 -4.10 11.96 -20.77
C LEU A 456 -5.34 11.23 -20.29
N LYS A 457 -6.52 11.56 -20.83
CA LYS A 457 -7.75 10.90 -20.38
C LYS A 457 -7.88 9.49 -20.93
N ARG A 458 -7.48 9.27 -22.19
CA ARG A 458 -7.47 7.89 -22.70
C ARG A 458 -6.51 7.04 -21.89
N HIS A 459 -5.33 7.59 -21.57
CA HIS A 459 -4.35 6.85 -20.78
C HIS A 459 -4.93 6.50 -19.41
N CYS A 460 -5.61 7.45 -18.77
CA CYS A 460 -6.25 7.17 -17.49
C CYS A 460 -7.39 6.17 -17.64
N ALA A 461 -8.16 6.26 -18.72
CA ALA A 461 -9.31 5.40 -18.91
C ALA A 461 -8.91 3.93 -19.01
N GLN A 462 -7.68 3.65 -19.39
CA GLN A 462 -7.19 2.27 -19.43
C GLN A 462 -6.92 1.72 -18.04
N ARG A 463 -6.76 2.58 -17.04
CA ARG A 463 -6.38 2.16 -15.69
C ARG A 463 -7.45 2.42 -14.64
N LEU A 464 -8.29 3.42 -14.83
CA LEU A 464 -9.17 3.93 -13.79
C LEU A 464 -10.62 3.90 -14.22
N PRO A 465 -11.56 3.83 -13.27
CA PRO A 465 -12.96 4.12 -13.60
C PRO A 465 -13.12 5.58 -14.01
N ARG A 466 -14.20 5.84 -14.74
CA ARG A 466 -14.35 7.14 -15.41
C ARG A 466 -14.35 8.30 -14.41
N TYR A 467 -14.97 8.11 -13.24
CA TYR A 467 -15.06 9.20 -12.28
C TYR A 467 -13.74 9.49 -11.61
N MET A 468 -12.72 8.67 -11.85
CA MET A 468 -11.38 8.90 -11.35
C MET A 468 -10.47 9.55 -12.37
N ILE A 469 -10.92 9.69 -13.61
CA ILE A 469 -10.14 10.40 -14.62
C ILE A 469 -10.20 11.89 -14.33
N ILE A 470 -9.07 12.57 -14.51
CA ILE A 470 -8.98 14.00 -14.26
C ILE A 470 -9.86 14.77 -15.23
N ASP A 471 -10.54 15.80 -14.71
CA ASP A 471 -11.30 16.70 -15.55
C ASP A 471 -10.39 17.73 -16.23
N LYS A 472 -9.46 18.29 -15.47
CA LYS A 472 -8.60 19.37 -15.93
C LYS A 472 -7.18 19.08 -15.49
N VAL A 473 -6.21 19.59 -16.25
CA VAL A 473 -4.80 19.38 -15.92
C VAL A 473 -4.14 20.75 -15.82
N LEU A 474 -3.10 20.83 -14.98
CA LEU A 474 -2.30 22.04 -14.86
C LEU A 474 -0.84 21.67 -14.94
N CYS A 475 -0.15 22.15 -15.97
CA CYS A 475 1.27 21.87 -16.15
C CYS A 475 2.10 23.00 -15.59
N LEU A 476 2.99 22.66 -14.65
CA LEU A 476 4.02 23.59 -14.17
C LEU A 476 5.33 22.83 -14.07
N ASP A 477 6.41 23.58 -13.88
CA ASP A 477 7.76 23.03 -13.92
C ASP A 477 8.20 22.36 -12.63
N ALA A 478 7.52 22.60 -11.52
CA ALA A 478 7.91 21.96 -10.26
C ALA A 478 6.70 21.84 -9.36
N LEU A 479 6.69 20.77 -8.56
CA LEU A 479 5.63 20.65 -7.57
C LEU A 479 6.11 21.23 -6.23
N PRO A 480 5.29 22.00 -5.52
CA PRO A 480 5.74 22.56 -4.24
C PRO A 480 5.59 21.54 -3.13
N ARG A 481 6.68 21.33 -2.40
CA ARG A 481 6.74 20.33 -1.34
C ARG A 481 7.30 20.95 -0.07
N ASN A 482 6.89 20.42 1.08
CA ASN A 482 7.53 20.82 2.32
C ASN A 482 8.90 20.14 2.42
N ALA A 483 9.56 20.32 3.56
CA ALA A 483 10.93 19.82 3.71
C ALA A 483 11.03 18.31 3.58
N ASN A 484 9.93 17.57 3.74
CA ASN A 484 9.95 16.12 3.67
C ASN A 484 9.00 15.58 2.61
N GLY A 485 8.80 16.34 1.53
CA GLY A 485 8.17 15.81 0.33
C GLY A 485 6.66 15.94 0.25
N LYS A 486 6.01 16.45 1.27
CA LYS A 486 4.55 16.57 1.25
C LYS A 486 4.12 17.72 0.35
N VAL A 487 3.14 17.47 -0.52
CA VAL A 487 2.71 18.47 -1.48
C VAL A 487 2.06 19.63 -0.75
N ASP A 488 2.47 20.86 -1.11
CA ASP A 488 2.19 22.07 -0.36
C ASP A 488 0.72 22.48 -0.33
N ARG A 489 -0.16 21.88 -1.14
CA ARG A 489 -1.58 22.22 -1.14
C ARG A 489 -1.80 23.69 -1.47
N PHE A 490 -0.71 24.40 -1.79
CA PHE A 490 -0.80 25.72 -2.39
C PHE A 490 -1.01 25.63 -3.88
N ALA A 491 -1.07 24.41 -4.43
CA ALA A 491 -1.47 24.22 -5.81
C ALA A 491 -2.90 24.69 -6.01
N LEU A 492 -3.71 24.62 -4.95
CA LEU A 492 -5.07 25.13 -5.00
C LEU A 492 -5.08 26.62 -5.27
N ALA A 493 -4.11 27.35 -4.71
CA ALA A 493 -3.97 28.76 -5.06
C ALA A 493 -3.59 28.91 -6.53
N ARG A 494 -2.69 28.06 -7.02
CA ARG A 494 -2.30 28.12 -8.42
C ARG A 494 -3.48 27.79 -9.33
N GLN A 495 -4.27 26.79 -8.96
CA GLN A 495 -5.45 26.44 -9.77
C GLN A 495 -6.49 27.56 -9.74
N VAL A 496 -6.74 28.13 -8.56
CA VAL A 496 -7.70 29.21 -8.45
C VAL A 496 -7.25 30.42 -9.26
N GLU A 497 -5.94 30.65 -9.34
CA GLU A 497 -5.43 31.74 -10.15
C GLU A 497 -5.64 31.48 -11.64
N GLY A 498 -5.52 30.21 -12.06
CA GLY A 498 -5.80 29.88 -13.44
C GLY A 498 -7.26 30.08 -13.82
N LYS A 499 -8.17 29.52 -13.00
CA LYS A 499 -9.59 29.64 -13.29
C LYS A 499 -10.05 31.10 -13.29
N LEU A 500 -9.55 31.90 -12.35
CA LEU A 500 -9.91 33.32 -12.30
C LEU A 500 -9.41 34.07 -13.53
N ALA A 501 -8.21 33.73 -14.00
CA ALA A 501 -7.66 34.38 -15.19
C ALA A 501 -8.56 34.15 -16.41
N ALA A 502 -9.19 32.99 -16.50
CA ALA A 502 -10.05 32.71 -17.65
C ALA A 502 -11.35 33.49 -17.56
N ALA A 503 -11.91 33.62 -16.36
CA ALA A 503 -13.11 34.44 -16.16
C ALA A 503 -12.86 35.89 -16.52
N LEU A 504 -11.65 36.40 -16.24
CA LEU A 504 -11.33 37.80 -16.52
C LEU A 504 -11.56 38.16 -17.98
N GLU A 505 -11.44 37.19 -18.88
CA GLU A 505 -11.68 37.45 -20.30
C GLU A 505 -13.05 36.95 -20.72
N MET B 1 -24.86 23.03 -39.49
CA MET B 1 -23.82 22.02 -39.27
C MET B 1 -23.61 21.78 -37.78
N LEU B 2 -24.33 20.79 -37.24
CA LEU B 2 -24.37 20.57 -35.80
C LEU B 2 -23.02 20.08 -35.27
N GLU B 3 -22.37 19.17 -36.00
CA GLU B 3 -21.10 18.61 -35.53
C GLU B 3 -20.08 19.69 -35.23
N SER B 4 -19.98 20.71 -36.09
CA SER B 4 -18.98 21.74 -35.90
C SER B 4 -19.23 22.55 -34.63
N LYS B 5 -20.51 22.85 -34.34
CA LYS B 5 -20.81 23.68 -33.18
C LYS B 5 -20.66 22.91 -31.87
N LEU B 6 -20.84 21.59 -31.91
CA LEU B 6 -20.63 20.74 -30.72
C LEU B 6 -19.17 20.39 -30.47
N ILE B 7 -18.44 19.95 -31.50
CA ILE B 7 -17.02 19.71 -31.32
C ILE B 7 -16.35 20.96 -30.76
N ASN B 8 -16.65 22.12 -31.34
CA ASN B 8 -16.12 23.39 -30.85
C ASN B 8 -16.57 23.66 -29.41
N HIS B 9 -17.89 23.64 -29.17
CA HIS B 9 -18.42 23.94 -27.84
C HIS B 9 -17.81 23.05 -26.76
N ILE B 10 -17.67 21.76 -27.04
CA ILE B 10 -17.20 20.81 -26.03
C ILE B 10 -15.76 21.11 -25.63
N ALA B 11 -14.92 21.52 -26.59
CA ALA B 11 -13.53 21.82 -26.27
C ALA B 11 -13.39 23.00 -25.32
N THR B 12 -14.12 24.09 -25.58
CA THR B 12 -14.02 25.24 -24.69
C THR B 12 -14.66 24.96 -23.34
N GLN B 13 -15.84 24.33 -23.34
CA GLN B 13 -16.54 24.12 -22.08
C GLN B 13 -15.85 23.06 -21.21
N PHE B 14 -15.38 21.96 -21.81
CA PHE B 14 -14.87 20.83 -21.04
C PHE B 14 -13.40 20.49 -21.25
N LEU B 15 -12.76 21.03 -22.29
CA LEU B 15 -11.36 20.75 -22.57
C LEU B 15 -10.53 22.02 -22.48
N ASP B 16 -11.13 23.10 -21.97
CA ASP B 16 -10.50 24.41 -21.89
C ASP B 16 -10.00 24.88 -23.24
N GLY B 17 -10.83 24.69 -24.27
CA GLY B 17 -10.55 25.14 -25.62
C GLY B 17 -9.58 24.30 -26.45
N GLU B 18 -9.23 23.09 -26.02
CA GLU B 18 -8.24 22.28 -26.74
C GLU B 18 -8.96 21.23 -27.58
N LYS B 19 -9.15 21.53 -28.86
CA LYS B 19 -9.82 20.67 -29.82
C LYS B 19 -8.91 19.59 -30.43
N ASP B 20 -7.73 19.38 -29.84
CA ASP B 20 -6.70 18.54 -30.45
C ASP B 20 -7.19 17.12 -30.76
N GLY B 21 -7.70 16.42 -29.75
CA GLY B 21 -8.07 15.03 -29.92
C GLY B 21 -9.55 14.71 -30.05
N LEU B 22 -10.40 15.73 -30.05
CA LEU B 22 -11.84 15.53 -30.02
C LEU B 22 -12.42 15.43 -31.42
N ASP B 23 -13.33 14.47 -31.60
CA ASP B 23 -14.09 14.37 -32.83
C ASP B 23 -15.48 13.82 -32.53
N SER B 24 -16.27 13.75 -33.59
CA SER B 24 -17.64 13.27 -33.56
C SER B 24 -17.80 11.88 -32.96
N GLN B 25 -16.75 11.04 -32.94
CA GLN B 25 -16.87 9.66 -32.46
C GLN B 25 -16.22 9.36 -31.11
N THR B 26 -15.49 10.31 -30.52
CA THR B 26 -14.84 10.08 -29.22
C THR B 26 -15.88 9.85 -28.12
N PRO B 27 -15.71 8.83 -27.28
CA PRO B 27 -16.68 8.59 -26.19
C PRO B 27 -16.53 9.62 -25.09
N LEU B 28 -17.58 10.40 -24.85
CA LEU B 28 -17.46 11.56 -23.97
C LEU B 28 -17.54 11.16 -22.49
N PHE B 29 -18.31 10.12 -22.15
CA PHE B 29 -18.45 9.71 -20.76
C PHE B 29 -17.33 8.76 -20.32
N GLU B 30 -16.93 7.83 -21.19
CA GLU B 30 -15.82 6.94 -20.85
C GLU B 30 -14.55 7.70 -20.58
N LEU B 31 -14.40 8.89 -21.17
CA LEU B 31 -13.22 9.71 -21.01
C LEU B 31 -13.40 10.83 -19.99
N ASN B 32 -14.51 10.84 -19.25
CA ASN B 32 -14.84 11.87 -18.27
C ASN B 32 -14.67 13.27 -18.85
N ILE B 33 -14.89 13.41 -20.17
CA ILE B 33 -15.01 14.73 -20.75
C ILE B 33 -16.29 15.40 -20.27
N VAL B 34 -17.39 14.66 -20.33
CA VAL B 34 -18.70 15.09 -19.85
C VAL B 34 -19.06 14.19 -18.67
N ASP B 35 -19.31 14.79 -17.51
CA ASP B 35 -19.67 14.05 -16.32
C ASP B 35 -21.18 13.93 -16.12
N SER B 36 -21.54 13.43 -14.94
CA SER B 36 -22.94 13.26 -14.54
C SER B 36 -23.66 14.58 -14.50
N ALA B 37 -22.96 15.56 -13.97
CA ALA B 37 -23.41 16.88 -13.57
C ALA B 37 -23.32 17.92 -14.66
N ALA B 38 -22.77 17.58 -15.82
CA ALA B 38 -22.72 18.49 -16.94
C ALA B 38 -23.57 17.99 -18.09
N ILE B 39 -24.43 17.00 -17.80
CA ILE B 39 -25.25 16.41 -18.84
C ILE B 39 -26.25 17.41 -19.39
N PHE B 40 -26.86 18.21 -18.52
CA PHE B 40 -27.85 19.19 -18.97
C PHE B 40 -27.21 20.44 -19.54
N ASP B 41 -26.00 20.78 -19.10
CA ASP B 41 -25.27 21.88 -19.74
C ASP B 41 -25.09 21.60 -21.22
N LEU B 42 -25.05 20.32 -21.59
CA LEU B 42 -25.02 19.93 -23.00
C LEU B 42 -26.42 19.98 -23.63
N VAL B 43 -27.42 19.48 -22.91
CA VAL B 43 -28.79 19.49 -23.43
C VAL B 43 -29.24 20.93 -23.65
N ASP B 44 -28.77 21.84 -22.80
CA ASP B 44 -29.10 23.26 -22.91
C ASP B 44 -28.46 23.88 -24.14
N PHE B 45 -27.27 23.41 -24.53
CA PHE B 45 -26.65 23.91 -25.75
C PHE B 45 -27.36 23.36 -26.98
N LEU B 46 -27.84 22.13 -26.91
CA LEU B 46 -28.59 21.54 -28.01
C LEU B 46 -29.99 22.12 -28.16
N ARG B 47 -30.55 22.74 -27.12
CA ARG B 47 -31.85 23.37 -27.29
C ARG B 47 -31.74 24.74 -27.93
N GLN B 48 -30.63 25.45 -27.70
CA GLN B 48 -30.43 26.76 -28.31
C GLN B 48 -29.80 26.68 -29.69
N GLU B 49 -28.73 25.88 -29.86
CA GLU B 49 -28.03 25.82 -31.14
C GLU B 49 -28.84 25.11 -32.20
N SER B 50 -29.56 24.05 -31.82
CA SER B 50 -30.33 23.24 -32.75
C SER B 50 -31.80 23.67 -32.79
N LYS B 51 -32.24 24.40 -31.77
CA LYS B 51 -33.60 24.93 -31.64
C LYS B 51 -34.69 23.86 -31.57
N VAL B 52 -34.39 22.69 -31.00
CA VAL B 52 -35.38 21.65 -30.75
C VAL B 52 -35.37 21.26 -29.28
N SER B 53 -36.57 21.04 -28.72
CA SER B 53 -36.75 20.74 -27.30
C SER B 53 -36.50 19.26 -27.04
N ILE B 54 -35.66 18.95 -26.05
CA ILE B 54 -35.31 17.57 -25.69
C ILE B 54 -36.29 17.01 -24.67
N GLY B 55 -36.76 15.76 -24.93
CA GLY B 55 -37.67 15.04 -24.06
C GLY B 55 -36.99 14.20 -22.98
N MET B 56 -37.81 13.74 -22.02
CA MET B 56 -37.28 12.93 -20.92
C MET B 56 -36.93 11.52 -21.38
N GLN B 57 -37.77 10.94 -22.24
CA GLN B 57 -37.51 9.60 -22.78
C GLN B 57 -36.24 9.55 -23.61
N GLU B 58 -35.80 10.68 -24.14
CA GLU B 58 -34.63 10.76 -24.99
C GLU B 58 -33.42 11.32 -24.27
N ILE B 59 -33.44 11.37 -22.95
CA ILE B 59 -32.23 11.69 -22.19
C ILE B 59 -31.67 10.34 -21.74
N HIS B 60 -31.36 9.50 -22.72
CA HIS B 60 -30.72 8.20 -22.71
C HIS B 60 -29.21 8.38 -22.86
N PRO B 61 -28.40 7.52 -22.22
CA PRO B 61 -26.95 7.66 -22.37
C PRO B 61 -26.44 7.41 -23.78
N ALA B 62 -27.10 6.55 -24.55
CA ALA B 62 -26.67 6.28 -25.91
C ALA B 62 -26.76 7.53 -26.79
N ASN B 63 -27.75 8.39 -26.54
CA ASN B 63 -27.92 9.60 -27.35
C ASN B 63 -26.81 10.60 -27.10
N PHE B 64 -26.20 10.60 -25.91
CA PHE B 64 -25.20 11.59 -25.55
C PHE B 64 -23.80 11.00 -25.42
N ALA B 65 -23.65 9.70 -25.65
CA ALA B 65 -22.32 9.07 -25.61
C ALA B 65 -21.32 9.82 -26.48
N THR B 66 -21.70 10.17 -27.70
CA THR B 66 -20.80 10.80 -28.64
C THR B 66 -21.50 11.95 -29.35
N VAL B 67 -20.70 12.78 -30.02
CA VAL B 67 -21.26 13.86 -30.84
C VAL B 67 -22.07 13.28 -31.99
N GLN B 68 -21.61 12.17 -32.56
CA GLN B 68 -22.37 11.51 -33.63
C GLN B 68 -23.71 11.01 -33.11
N SER B 69 -23.81 10.73 -31.81
CA SER B 69 -25.07 10.34 -31.21
C SER B 69 -26.00 11.53 -31.03
N MET B 70 -25.45 12.67 -30.62
CA MET B 70 -26.27 13.85 -30.38
C MET B 70 -26.79 14.45 -31.69
N VAL B 71 -25.97 14.44 -32.73
CA VAL B 71 -26.43 14.93 -34.04
C VAL B 71 -27.53 14.04 -34.58
N ALA B 72 -27.35 12.71 -34.48
CA ALA B 72 -28.38 11.78 -34.92
C ALA B 72 -29.69 12.03 -34.18
N LEU B 73 -29.59 12.41 -32.91
CA LEU B 73 -30.78 12.74 -32.12
C LEU B 73 -31.52 13.93 -32.71
N VAL B 74 -30.80 14.99 -33.09
CA VAL B 74 -31.45 16.20 -33.58
C VAL B 74 -32.05 15.96 -34.96
N GLN B 75 -31.34 15.23 -35.82
CA GLN B 75 -31.94 14.76 -37.06
C GLN B 75 -33.18 13.93 -36.76
N ARG B 76 -33.08 13.04 -35.78
CA ARG B 76 -34.22 12.20 -35.39
C ARG B 76 -35.37 13.05 -34.87
N LEU B 77 -35.08 13.96 -33.94
CA LEU B 77 -36.12 14.79 -33.36
C LEU B 77 -36.67 15.83 -34.33
N LYS B 78 -36.00 16.07 -35.45
CA LYS B 78 -36.52 17.01 -36.44
C LYS B 78 -37.47 16.33 -37.42
N ALA B 79 -37.18 15.09 -37.80
CA ALA B 79 -38.10 14.28 -38.60
C ALA B 79 -37.72 12.80 -38.50
N MET C 1 30.67 23.93 6.55
CA MET C 1 30.74 22.58 7.10
C MET C 1 29.39 22.11 7.63
N LYS C 2 28.32 22.80 7.29
CA LYS C 2 26.99 22.41 7.76
C LYS C 2 26.27 21.50 6.78
N LEU C 3 26.92 21.11 5.69
CA LEU C 3 26.36 20.23 4.67
C LEU C 3 27.26 19.02 4.48
N LEU C 4 26.64 17.89 4.13
CA LEU C 4 27.38 16.64 4.00
C LEU C 4 28.48 16.74 2.96
N HIS C 5 28.15 17.21 1.75
CA HIS C 5 29.15 17.24 0.69
C HIS C 5 30.29 18.20 0.99
N GLU C 6 30.07 19.20 1.86
CA GLU C 6 31.14 20.08 2.25
C GLU C 6 32.18 19.37 3.11
N ARG C 7 31.80 18.27 3.77
CA ARG C 7 32.74 17.57 4.64
C ARG C 7 33.87 16.91 3.85
N MET C 8 33.58 16.25 2.72
CA MET C 8 34.71 15.64 2.01
C MET C 8 35.52 16.72 1.29
N MET C 9 34.87 17.81 0.89
CA MET C 9 35.58 18.90 0.25
C MET C 9 36.65 19.46 1.17
N HIS C 10 36.30 19.68 2.44
CA HIS C 10 37.31 20.05 3.44
C HIS C 10 38.39 18.98 3.53
N SER C 11 38.01 17.71 3.55
CA SER C 11 38.99 16.64 3.60
C SER C 11 39.83 16.61 2.32
N LEU C 12 39.18 16.87 1.18
CA LEU C 12 39.92 16.98 -0.07
C LEU C 12 40.98 18.08 0.00
N ALA C 13 40.65 19.20 0.64
CA ALA C 13 41.61 20.29 0.77
C ALA C 13 42.78 19.91 1.67
N ARG C 14 42.53 19.11 2.70
CA ARG C 14 43.60 18.71 3.61
C ARG C 14 44.39 17.52 3.10
N TYR C 15 43.73 16.57 2.41
CA TYR C 15 44.30 15.25 2.13
C TYR C 15 44.02 14.83 0.69
N PRO C 16 44.50 15.60 -0.31
CA PRO C 16 44.11 15.29 -1.69
C PRO C 16 44.63 13.95 -2.20
N ARG C 17 45.89 13.59 -1.89
CA ARG C 17 46.54 12.38 -2.42
C ARG C 17 46.27 11.12 -1.60
N GLN C 18 45.48 11.24 -0.54
CA GLN C 18 45.18 10.19 0.44
C GLN C 18 43.90 9.45 0.04
N THR C 19 43.90 8.12 0.25
CA THR C 19 42.85 7.25 -0.32
C THR C 19 41.51 7.44 0.37
N ALA C 20 40.50 7.81 -0.40
CA ALA C 20 39.17 8.09 0.13
C ALA C 20 38.26 6.87 0.14
N VAL C 21 38.19 6.14 -0.97
CA VAL C 21 37.22 5.06 -1.11
C VAL C 21 37.81 3.94 -1.96
N VAL C 22 37.56 2.70 -1.56
CA VAL C 22 38.14 1.50 -2.16
C VAL C 22 37.03 0.48 -2.34
N ASP C 23 37.00 -0.20 -3.48
CA ASP C 23 36.15 -1.38 -3.66
C ASP C 23 37.00 -2.52 -4.21
N GLU C 24 36.32 -3.56 -4.70
CA GLU C 24 37.02 -4.70 -5.29
C GLU C 24 37.93 -4.27 -6.43
N GLN C 25 37.37 -3.53 -7.38
CA GLN C 25 38.11 -3.16 -8.58
C GLN C 25 39.03 -1.97 -8.33
N ASP C 26 38.49 -0.84 -7.88
CA ASP C 26 39.19 0.43 -7.89
C ASP C 26 39.38 0.98 -6.48
N ALA C 27 40.26 1.99 -6.40
CA ALA C 27 40.55 2.73 -5.16
C ALA C 27 40.80 4.18 -5.53
N LEU C 28 39.95 5.09 -5.03
CA LEU C 28 39.97 6.49 -5.43
C LEU C 28 40.57 7.34 -4.31
N SER C 29 41.59 8.14 -4.65
CA SER C 29 42.05 9.19 -3.76
C SER C 29 40.97 10.26 -3.62
N TYR C 30 41.17 11.16 -2.66
CA TYR C 30 40.28 12.32 -2.55
C TYR C 30 40.31 13.15 -3.83
N GLU C 31 41.47 13.28 -4.46
CA GLU C 31 41.56 13.97 -5.74
C GLU C 31 40.78 13.22 -6.81
N ALA C 32 40.98 11.90 -6.89
CA ALA C 32 40.30 11.09 -7.90
C ALA C 32 38.80 11.05 -7.64
N LEU C 33 38.40 10.98 -6.37
CA LEU C 33 36.98 11.02 -6.05
C LEU C 33 36.35 12.34 -6.47
N GLU C 34 37.06 13.45 -6.26
CA GLU C 34 36.54 14.75 -6.66
C GLU C 34 36.27 14.81 -8.16
N LEU C 35 37.25 14.38 -8.97
CA LEU C 35 37.04 14.36 -10.41
C LEU C 35 35.85 13.50 -10.79
N ARG C 36 35.77 12.29 -10.23
CA ARG C 36 34.64 11.41 -10.48
C ARG C 36 33.34 12.09 -10.07
N ILE C 37 33.36 12.78 -8.94
CA ILE C 37 32.12 13.44 -8.43
C ILE C 37 31.64 14.47 -9.44
N ARG C 38 32.56 15.26 -9.97
CA ARG C 38 32.20 16.32 -10.94
C ARG C 38 31.58 15.71 -12.20
N GLU C 39 32.08 14.57 -12.65
CA GLU C 39 31.54 13.88 -13.85
C GLU C 39 30.07 13.54 -13.62
N PHE C 40 29.74 13.03 -12.44
CA PHE C 40 28.35 12.67 -12.14
C PHE C 40 27.48 13.90 -11.95
N VAL C 41 28.06 14.98 -11.41
CA VAL C 41 27.33 16.25 -11.32
C VAL C 41 26.91 16.72 -12.71
N ALA C 42 27.85 16.75 -13.65
CA ALA C 42 27.53 17.11 -15.03
C ALA C 42 26.46 16.23 -15.61
N MET C 43 26.54 14.91 -15.37
CA MET C 43 25.57 13.97 -15.91
C MET C 43 24.16 14.29 -15.43
N LEU C 44 23.99 14.47 -14.11
CA LEU C 44 22.67 14.76 -13.57
C LEU C 44 22.09 16.04 -14.14
N CYS C 45 22.91 17.08 -14.24
CA CYS C 45 22.48 18.31 -14.91
C CYS C 45 22.16 18.04 -16.37
N ALA C 46 23.04 17.33 -17.07
CA ALA C 46 22.78 16.97 -18.46
C ALA C 46 21.48 16.20 -18.60
N LEU C 47 21.08 15.47 -17.56
CA LEU C 47 19.81 14.75 -17.54
C LEU C 47 18.65 15.61 -17.06
N GLY C 48 18.92 16.85 -16.66
CA GLY C 48 17.86 17.71 -16.13
C GLY C 48 17.28 17.26 -14.80
N VAL C 49 18.08 16.61 -13.96
CA VAL C 49 17.63 16.22 -12.62
C VAL C 49 17.96 17.39 -11.70
N GLY C 50 16.93 18.03 -11.15
CA GLY C 50 17.09 19.27 -10.43
C GLY C 50 16.90 19.12 -8.92
N GLN C 51 17.22 20.21 -8.22
CA GLN C 51 17.10 20.29 -6.77
C GLN C 51 15.74 19.82 -6.29
N GLY C 52 15.74 18.87 -5.36
CA GLY C 52 14.54 18.38 -4.73
C GLY C 52 14.05 17.05 -5.28
N GLN C 53 14.42 16.72 -6.51
CA GLN C 53 13.97 15.49 -7.15
C GLN C 53 14.72 14.29 -6.59
N ARG C 54 14.08 13.13 -6.70
CA ARG C 54 14.58 11.89 -6.14
C ARG C 54 15.10 10.97 -7.25
N ILE C 55 16.20 10.28 -6.96
CA ILE C 55 16.75 9.27 -7.85
C ILE C 55 16.93 7.98 -7.05
N LEU C 56 16.72 6.85 -7.71
CA LEU C 56 16.84 5.54 -7.08
C LEU C 56 18.21 4.96 -7.37
N LEU C 57 18.90 4.52 -6.31
CA LEU C 57 20.17 3.80 -6.43
C LEU C 57 19.88 2.32 -6.27
N TRP C 58 19.79 1.62 -7.39
CA TRP C 58 19.49 0.21 -7.44
C TRP C 58 20.70 -0.54 -7.98
N ALA C 59 21.76 -0.59 -7.17
CA ALA C 59 23.03 -1.09 -7.68
C ALA C 59 23.93 -1.50 -6.52
N HIS C 60 24.87 -2.38 -6.84
CA HIS C 60 25.84 -2.85 -5.86
C HIS C 60 26.83 -1.75 -5.52
N LYS C 61 27.36 -1.81 -4.32
CA LYS C 61 28.30 -0.79 -3.84
C LYS C 61 29.52 -0.72 -4.74
N SER C 62 30.04 0.50 -4.90
CA SER C 62 31.23 0.76 -5.71
C SER C 62 31.74 2.13 -5.33
N VAL C 63 32.94 2.47 -5.84
CA VAL C 63 33.41 3.83 -5.65
C VAL C 63 32.51 4.80 -6.39
N ASP C 64 31.94 4.39 -7.52
CA ASP C 64 31.06 5.26 -8.29
C ASP C 64 29.79 5.63 -7.52
N LEU C 65 29.17 4.67 -6.82
CA LEU C 65 28.00 5.04 -6.02
C LEU C 65 28.33 6.06 -4.97
N VAL C 66 29.49 5.95 -4.31
CA VAL C 66 29.86 6.99 -3.37
C VAL C 66 29.97 8.33 -4.08
N ALA C 67 30.52 8.33 -5.30
CA ALA C 67 30.62 9.56 -6.07
C ALA C 67 29.23 10.09 -6.45
N VAL C 68 28.34 9.22 -6.93
CA VAL C 68 26.99 9.64 -7.29
C VAL C 68 26.29 10.29 -6.10
N MET C 69 26.41 9.68 -4.91
CA MET C 69 25.75 10.23 -3.73
C MET C 69 26.26 11.63 -3.42
N GLN C 70 27.58 11.82 -3.43
CA GLN C 70 28.13 13.16 -3.23
C GLN C 70 27.63 14.12 -4.31
N ALA C 71 27.55 13.64 -5.55
CA ALA C 71 27.07 14.48 -6.65
C ALA C 71 25.62 14.93 -6.40
N ALA C 72 24.75 13.98 -6.06
CA ALA C 72 23.36 14.31 -5.79
C ALA C 72 23.24 15.27 -4.61
N LEU C 73 24.07 15.09 -3.59
CA LEU C 73 24.07 16.00 -2.45
C LEU C 73 24.43 17.42 -2.88
N ARG C 74 25.38 17.56 -3.80
CA ARG C 74 25.80 18.88 -4.25
C ARG C 74 24.70 19.59 -5.03
N LEU C 75 23.79 18.85 -5.66
CA LEU C 75 22.73 19.43 -6.46
C LEU C 75 21.40 19.48 -5.72
N GLY C 76 21.39 19.19 -4.43
CA GLY C 76 20.13 19.07 -3.72
C GLY C 76 19.22 17.98 -4.25
N VAL C 77 19.79 16.97 -4.90
CA VAL C 77 19.03 15.85 -5.42
C VAL C 77 18.98 14.76 -4.36
N VAL C 78 17.79 14.32 -4.00
CA VAL C 78 17.61 13.36 -2.92
C VAL C 78 17.83 11.96 -3.48
N TYR C 79 18.87 11.28 -3.01
CA TYR C 79 19.10 9.91 -3.45
C TYR C 79 18.40 8.93 -2.51
N VAL C 80 17.94 7.82 -3.09
CA VAL C 80 17.11 6.85 -2.38
C VAL C 80 17.72 5.47 -2.62
N PRO C 81 18.51 4.96 -1.67
CA PRO C 81 19.13 3.64 -1.87
C PRO C 81 18.08 2.53 -1.83
N VAL C 82 18.16 1.61 -2.79
CA VAL C 82 17.29 0.45 -2.86
C VAL C 82 18.15 -0.79 -2.93
N ASP C 83 17.79 -1.80 -2.15
CA ASP C 83 18.46 -3.09 -2.11
C ASP C 83 18.56 -3.66 -3.53
N PRO C 84 19.76 -3.81 -4.09
CA PRO C 84 19.87 -4.40 -5.43
C PRO C 84 19.38 -5.84 -5.50
N LEU C 85 19.37 -6.57 -4.38
CA LEU C 85 18.84 -7.93 -4.35
C LEU C 85 17.34 -7.97 -4.08
N SER C 86 16.67 -6.81 -4.08
CA SER C 86 15.25 -6.67 -3.84
C SER C 86 14.44 -6.98 -5.09
N PRO C 87 13.22 -7.52 -4.93
CA PRO C 87 12.38 -7.79 -6.10
C PRO C 87 11.84 -6.50 -6.70
N VAL C 88 11.58 -6.56 -8.01
CA VAL C 88 11.07 -5.41 -8.76
C VAL C 88 9.82 -4.84 -8.10
N SER C 89 8.91 -5.70 -7.65
CA SER C 89 7.66 -5.27 -7.03
C SER C 89 7.89 -4.27 -5.90
N ARG C 90 8.97 -4.42 -5.14
CA ARG C 90 9.25 -3.47 -4.06
C ARG C 90 9.92 -2.21 -4.61
N LEU C 91 10.78 -2.36 -5.61
CA LEU C 91 11.26 -1.18 -6.34
C LEU C 91 10.10 -0.37 -6.91
N GLU C 92 9.09 -1.06 -7.43
CA GLU C 92 7.89 -0.37 -7.92
C GLU C 92 7.24 0.45 -6.80
N LYS C 93 7.00 -0.18 -5.65
CA LYS C 93 6.37 0.54 -4.53
C LYS C 93 7.19 1.76 -4.11
N ILE C 94 8.51 1.63 -4.13
CA ILE C 94 9.37 2.74 -3.72
C ILE C 94 9.43 3.81 -4.80
N ALA C 95 9.54 3.40 -6.06
CA ALA C 95 9.50 4.37 -7.16
C ALA C 95 8.21 5.17 -7.15
N GLY C 96 7.08 4.51 -6.87
CA GLY C 96 5.81 5.20 -6.83
C GLY C 96 5.72 6.21 -5.71
N ASP C 97 6.19 5.84 -4.51
CA ASP C 97 6.05 6.74 -3.36
C ASP C 97 6.93 7.98 -3.51
N SER C 98 8.17 7.81 -3.94
CA SER C 98 9.10 8.93 -4.06
C SER C 98 8.87 9.75 -5.32
N GLN C 99 8.19 9.19 -6.32
CA GLN C 99 8.09 9.80 -7.65
C GLN C 99 9.48 10.15 -8.19
N ALA C 100 10.39 9.19 -8.12
CA ALA C 100 11.74 9.39 -8.64
C ALA C 100 11.70 9.56 -10.15
N VAL C 101 12.66 10.34 -10.66
CA VAL C 101 12.75 10.61 -12.09
C VAL C 101 13.91 9.85 -12.74
N LEU C 102 14.56 8.97 -12.00
CA LEU C 102 15.80 8.37 -12.50
C LEU C 102 16.17 7.18 -11.63
N VAL C 103 16.56 6.09 -12.30
CA VAL C 103 17.06 4.89 -11.64
C VAL C 103 18.49 4.65 -12.08
N LEU C 104 19.38 4.46 -11.12
CA LEU C 104 20.76 4.05 -11.38
C LEU C 104 20.86 2.57 -11.07
N CYS C 105 21.37 1.79 -12.03
CA CYS C 105 21.29 0.35 -11.88
C CYS C 105 22.39 -0.34 -12.66
N THR C 106 22.45 -1.66 -12.45
CA THR C 106 23.32 -2.55 -13.19
C THR C 106 22.67 -2.92 -14.50
N ALA C 107 23.48 -3.33 -15.48
CA ALA C 107 22.92 -3.74 -16.76
C ALA C 107 22.12 -5.02 -16.61
N ALA C 108 22.59 -5.94 -15.77
CA ALA C 108 21.86 -7.16 -15.45
C ALA C 108 20.38 -6.93 -15.18
N ARG C 109 20.03 -5.91 -14.40
CA ARG C 109 18.65 -5.76 -13.98
C ARG C 109 17.83 -4.83 -14.87
N LEU C 110 18.37 -4.32 -15.98
CA LEU C 110 17.54 -3.57 -16.94
C LEU C 110 16.40 -4.43 -17.48
N GLU C 111 16.70 -5.68 -17.85
CA GLU C 111 15.68 -6.56 -18.42
C GLU C 111 14.43 -6.61 -17.55
N GLU C 112 14.62 -6.61 -16.22
CA GLU C 112 13.47 -6.60 -15.32
C GLU C 112 12.72 -5.28 -15.32
N LEU C 113 13.44 -4.16 -15.54
CA LEU C 113 12.76 -2.87 -15.47
C LEU C 113 11.86 -2.64 -16.67
N ALA C 114 12.13 -3.29 -17.80
CA ALA C 114 11.28 -3.12 -18.97
C ALA C 114 9.86 -3.61 -18.71
N GLY C 115 9.72 -4.72 -17.99
CA GLY C 115 8.42 -5.23 -17.62
C GLY C 115 7.83 -4.68 -16.34
N SER C 116 8.39 -3.60 -15.80
CA SER C 116 8.00 -3.08 -14.51
C SER C 116 7.09 -1.86 -14.68
N ALA C 117 6.61 -1.34 -13.55
CA ALA C 117 5.80 -0.12 -13.55
C ALA C 117 6.65 1.13 -13.64
N LEU C 118 7.97 0.99 -13.74
CA LEU C 118 8.92 2.07 -14.00
C LEU C 118 9.77 1.78 -15.23
N ALA C 119 9.13 1.22 -16.26
CA ALA C 119 9.78 1.09 -17.57
C ALA C 119 9.98 2.43 -18.25
N GLN C 120 9.18 3.45 -17.90
CA GLN C 120 9.29 4.76 -18.54
C GLN C 120 10.20 5.72 -17.79
N VAL C 121 10.49 5.48 -16.51
CA VAL C 121 11.48 6.26 -15.81
C VAL C 121 12.84 6.10 -16.48
N ARG C 122 13.55 7.21 -16.66
CA ARG C 122 14.89 7.14 -17.21
C ARG C 122 15.80 6.35 -16.29
N SER C 123 16.65 5.52 -16.89
CA SER C 123 17.59 4.69 -16.15
C SER C 123 18.98 4.86 -16.73
N VAL C 124 19.99 4.77 -15.86
CA VAL C 124 21.38 4.88 -16.27
C VAL C 124 22.14 3.68 -15.71
N VAL C 125 23.06 3.14 -16.52
CA VAL C 125 23.82 1.94 -16.19
C VAL C 125 25.19 2.35 -15.64
N LEU C 126 25.55 1.79 -14.49
CA LEU C 126 26.82 2.13 -13.85
C LEU C 126 27.96 1.19 -14.21
N ASP C 127 27.68 -0.08 -14.53
CA ASP C 127 28.75 -1.09 -14.54
C ASP C 127 29.25 -1.46 -15.93
N ASP C 128 28.39 -1.63 -16.92
CA ASP C 128 28.80 -2.27 -18.17
C ASP C 128 28.97 -1.23 -19.28
N PRO C 129 30.20 -0.88 -19.66
CA PRO C 129 30.40 0.12 -20.73
C PRO C 129 29.77 -0.25 -22.06
N ALA C 130 29.34 -1.50 -22.25
CA ALA C 130 28.71 -1.93 -23.49
C ALA C 130 27.20 -1.68 -23.51
N SER C 131 26.63 -1.22 -22.41
CA SER C 131 25.20 -0.94 -22.34
C SER C 131 24.91 0.40 -22.99
N ALA C 132 23.79 0.47 -23.72
CA ALA C 132 23.37 1.73 -24.32
C ALA C 132 23.12 2.80 -23.26
N GLY C 133 22.70 2.40 -22.07
CA GLY C 133 22.45 3.29 -20.97
C GLY C 133 23.66 3.65 -20.14
N TYR C 134 24.86 3.18 -20.53
CA TYR C 134 26.08 3.49 -19.80
C TYR C 134 26.19 4.97 -19.53
N TRP C 135 26.55 5.29 -18.28
CA TRP C 135 26.39 6.66 -17.78
C TRP C 135 27.23 7.67 -18.56
N ARG C 136 28.39 7.29 -19.04
CA ARG C 136 29.21 8.22 -19.79
C ARG C 136 28.75 8.39 -21.23
N ASN C 137 27.92 7.48 -21.74
CA ASN C 137 27.39 7.76 -23.06
C ASN C 137 26.47 8.97 -23.03
N ILE C 138 26.06 9.41 -21.83
CA ILE C 138 25.38 10.70 -21.69
C ILE C 138 26.39 11.81 -21.95
N ASP C 139 26.09 12.67 -22.92
CA ASP C 139 26.97 13.77 -23.29
C ASP C 139 26.69 14.98 -22.39
N THR C 140 27.75 15.52 -21.79
CA THR C 140 27.62 16.62 -20.84
C THR C 140 27.91 17.97 -21.49
N GLY C 141 27.86 18.03 -22.82
CA GLY C 141 28.28 19.23 -23.53
C GLY C 141 27.58 20.48 -23.04
N SER C 142 26.25 20.43 -22.98
CA SER C 142 25.48 21.53 -22.40
C SER C 142 25.34 21.23 -20.91
N SER C 143 26.43 21.48 -20.19
CA SER C 143 26.49 21.17 -18.76
C SER C 143 25.43 21.93 -17.96
N VAL C 144 25.63 23.24 -17.80
CA VAL C 144 24.68 24.11 -17.10
C VAL C 144 24.63 23.68 -15.63
N VAL C 145 25.80 23.63 -14.99
CA VAL C 145 25.88 23.24 -13.58
C VAL C 145 25.61 24.49 -12.76
N PRO C 146 24.53 24.53 -12.00
CA PRO C 146 24.13 25.76 -11.32
C PRO C 146 24.79 25.94 -9.96
N THR C 147 24.57 27.13 -9.39
CA THR C 147 24.89 27.41 -8.01
C THR C 147 23.59 27.45 -7.22
N LEU C 148 23.53 26.69 -6.14
CA LEU C 148 22.30 26.52 -5.37
C LEU C 148 22.52 26.91 -3.92
N ALA C 149 21.41 27.24 -3.25
CA ALA C 149 21.38 27.55 -1.82
C ALA C 149 20.74 26.37 -1.10
N ILE C 150 21.56 25.56 -0.42
CA ILE C 150 21.12 24.37 0.30
C ILE C 150 21.29 24.62 1.79
N GLN C 151 20.18 24.37 2.58
CA GLN C 151 20.12 24.55 4.03
C GLN C 151 20.31 23.22 4.75
N PRO C 152 20.83 23.25 5.98
CA PRO C 152 21.14 21.99 6.68
C PRO C 152 19.93 21.14 6.98
N ASP C 153 18.75 21.76 7.09
CA ASP C 153 17.51 21.03 7.33
C ASP C 153 16.78 20.70 6.03
N ASP C 154 17.47 20.77 4.89
CA ASP C 154 16.94 20.27 3.64
C ASP C 154 17.12 18.75 3.54
N LEU C 155 16.19 18.12 2.83
CA LEU C 155 16.23 16.68 2.63
C LEU C 155 17.48 16.29 1.84
N ALA C 156 18.25 15.35 2.41
CA ALA C 156 19.45 14.83 1.76
C ALA C 156 19.23 13.47 1.14
N TYR C 157 18.64 12.53 1.89
CA TYR C 157 18.39 11.20 1.36
C TYR C 157 17.24 10.56 2.12
N ILE C 158 16.70 9.49 1.54
CA ILE C 158 15.58 8.76 2.10
C ILE C 158 15.97 7.29 2.23
N LEU C 159 15.75 6.72 3.41
CA LEU C 159 15.94 5.30 3.65
C LEU C 159 14.59 4.65 3.90
N TYR C 160 14.17 3.77 3.01
CA TYR C 160 12.87 3.13 3.14
C TYR C 160 12.90 1.98 4.14
N THR C 161 11.83 1.87 4.93
CA THR C 161 11.68 0.85 5.94
C THR C 161 10.45 0.01 5.66
N SER C 162 10.41 -1.17 6.29
CA SER C 162 9.26 -2.05 6.19
C SER C 162 7.99 -1.35 6.68
N GLY C 163 6.89 -1.62 6.00
CA GLY C 163 5.60 -1.03 6.34
C GLY C 163 4.66 -2.12 6.83
N SER C 164 3.87 -1.78 7.85
CA SER C 164 2.97 -2.77 8.45
C SER C 164 2.00 -3.35 7.44
N THR C 165 1.70 -2.61 6.38
CA THR C 165 0.80 -3.07 5.33
C THR C 165 1.53 -3.81 4.21
N GLY C 166 2.85 -3.70 4.15
CA GLY C 166 3.63 -4.16 3.03
C GLY C 166 4.18 -3.03 2.18
N VAL C 167 3.63 -1.83 2.35
CA VAL C 167 4.07 -0.66 1.58
C VAL C 167 5.20 0.01 2.35
N PRO C 168 6.41 0.09 1.75
CA PRO C 168 7.52 0.73 2.47
C PRO C 168 7.29 2.19 2.76
N LYS C 169 7.85 2.63 3.90
CA LYS C 169 7.77 4.00 4.36
C LYS C 169 9.15 4.65 4.19
N GLY C 170 9.17 5.88 3.67
CA GLY C 170 10.44 6.52 3.42
C GLY C 170 10.89 7.46 4.54
N VAL C 171 11.95 7.08 5.25
CA VAL C 171 12.48 7.91 6.33
C VAL C 171 13.31 9.03 5.70
N ALA C 172 12.77 10.25 5.73
CA ALA C 172 13.39 11.40 5.09
C ALA C 172 14.39 12.04 6.05
N LEU C 173 15.65 12.07 5.66
CA LEU C 173 16.74 12.45 6.54
C LEU C 173 17.46 13.67 5.97
N SER C 174 17.65 14.68 6.82
CA SER C 174 18.27 15.94 6.42
C SER C 174 19.79 15.85 6.55
N HIS C 175 20.46 16.87 6.00
CA HIS C 175 21.88 17.04 6.25
C HIS C 175 22.17 17.07 7.75
N GLY C 176 21.37 17.85 8.49
CA GLY C 176 21.58 17.96 9.92
C GLY C 176 21.35 16.64 10.65
N ASN C 177 20.38 15.84 10.19
CA ASN C 177 20.16 14.54 10.77
C ASN C 177 21.41 13.67 10.66
N ALA C 178 22.01 13.65 9.48
CA ALA C 178 23.19 12.82 9.27
C ALA C 178 24.39 13.36 10.04
N LEU C 179 24.57 14.68 10.05
CA LEU C 179 25.77 15.26 10.64
C LEU C 179 25.75 15.26 12.16
N ALA C 180 24.55 15.30 12.75
CA ALA C 180 24.48 15.16 14.21
C ALA C 180 25.02 13.81 14.64
N PHE C 181 24.68 12.75 13.89
CA PHE C 181 25.23 11.43 14.18
C PHE C 181 26.71 11.36 13.85
N VAL C 182 27.09 11.80 12.64
CA VAL C 182 28.48 11.70 12.21
C VAL C 182 29.40 12.45 13.16
N ASP C 183 29.02 13.68 13.53
CA ASP C 183 29.86 14.46 14.43
C ASP C 183 29.94 13.82 15.81
N TRP C 184 28.84 13.26 16.31
CA TRP C 184 28.89 12.59 17.60
C TRP C 184 29.84 11.40 17.55
N ALA C 185 29.70 10.55 16.53
CA ALA C 185 30.53 9.36 16.41
C ALA C 185 32.02 9.73 16.33
N CYS C 186 32.36 10.73 15.52
CA CYS C 186 33.76 11.11 15.36
C CYS C 186 34.36 11.63 16.66
N GLU C 187 33.55 12.31 17.48
CA GLU C 187 33.99 12.83 18.76
C GLU C 187 34.13 11.71 19.79
N ARG C 188 33.20 10.75 19.74
CA ARG C 188 33.18 9.68 20.74
C ARG C 188 34.31 8.68 20.53
N TYR C 189 34.57 8.30 19.29
CA TYR C 189 35.54 7.25 18.98
C TYR C 189 36.82 7.79 18.33
N CYS C 190 36.96 9.11 18.22
CA CYS C 190 38.22 9.76 17.84
C CYS C 190 38.74 9.23 16.51
N PHE C 191 37.86 9.21 15.49
CA PHE C 191 38.29 8.79 14.17
C PHE C 191 39.37 9.73 13.64
N GLN C 192 40.39 9.15 13.02
CA GLN C 192 41.59 9.88 12.63
C GLN C 192 41.82 9.80 11.13
N PRO C 193 42.55 10.77 10.56
CA PRO C 193 42.96 10.66 9.15
C PRO C 193 43.74 9.37 8.90
N GLY C 194 43.48 8.75 7.76
CA GLY C 194 44.22 7.58 7.36
C GLY C 194 43.74 6.29 7.99
N GLU C 195 42.77 6.35 8.90
CA GLU C 195 42.11 5.14 9.34
C GLU C 195 41.30 4.55 8.17
N ARG C 196 41.05 3.26 8.25
CA ARG C 196 40.28 2.56 7.23
C ARG C 196 38.99 2.07 7.85
N PHE C 197 37.86 2.53 7.31
CA PHE C 197 36.57 2.07 7.76
C PHE C 197 36.15 0.89 6.89
N ALA C 198 35.57 -0.13 7.52
CA ALA C 198 34.90 -1.18 6.78
C ALA C 198 33.43 -0.80 6.66
N ASN C 199 32.94 -0.79 5.42
CA ASN C 199 31.51 -0.59 5.16
C ASN C 199 30.94 -1.98 4.88
N HIS C 200 30.45 -2.63 5.92
CA HIS C 200 29.82 -3.93 5.72
C HIS C 200 28.38 -3.80 5.25
N ALA C 201 27.62 -2.89 5.86
CA ALA C 201 26.20 -2.79 5.57
C ALA C 201 25.98 -2.28 4.15
N PRO C 202 24.91 -2.71 3.51
CA PRO C 202 24.52 -2.09 2.23
C PRO C 202 24.04 -0.67 2.43
N LEU C 203 24.06 0.10 1.34
CA LEU C 203 23.78 1.52 1.39
C LEU C 203 22.36 1.85 1.85
N HIS C 204 21.44 0.89 1.82
CA HIS C 204 20.06 1.15 2.21
C HIS C 204 19.80 0.93 3.69
N PHE C 205 20.84 0.68 4.49
CA PHE C 205 20.75 0.62 5.94
C PHE C 205 21.57 1.76 6.53
N ASP C 206 21.11 2.32 7.65
CA ASP C 206 21.75 3.54 8.14
C ASP C 206 23.13 3.30 8.76
N LEU C 207 23.56 2.03 8.89
CA LEU C 207 24.92 1.78 9.37
C LEU C 207 25.96 2.33 8.39
N SER C 208 25.64 2.32 7.09
CA SER C 208 26.59 2.83 6.10
C SER C 208 26.80 4.34 6.22
N VAL C 209 25.87 5.05 6.87
CA VAL C 209 26.06 6.49 7.09
C VAL C 209 27.31 6.73 7.92
N LEU C 210 27.55 5.91 8.94
CA LEU C 210 28.79 6.05 9.71
C LEU C 210 29.99 5.63 8.87
N ASP C 211 29.90 4.46 8.23
CA ASP C 211 31.04 3.92 7.48
C ASP C 211 31.56 4.90 6.44
N ILE C 212 30.66 5.51 5.66
CA ILE C 212 31.08 6.34 4.54
C ILE C 212 31.33 7.78 4.99
N TYR C 213 30.37 8.40 5.66
CA TYR C 213 30.46 9.82 5.92
C TYR C 213 31.42 10.17 7.06
N CYS C 214 31.56 9.30 8.06
CA CYS C 214 32.60 9.54 9.07
C CYS C 214 33.99 9.46 8.46
N ALA C 215 34.20 8.50 7.54
CA ALA C 215 35.49 8.37 6.88
C ALA C 215 35.81 9.61 6.07
N LEU C 216 34.86 10.07 5.26
CA LEU C 216 35.06 11.28 4.46
C LEU C 216 35.09 12.53 5.33
N ASN C 217 34.59 12.45 6.55
CA ASN C 217 34.58 13.63 7.43
C ASN C 217 35.96 13.92 8.01
N VAL C 218 36.79 12.90 8.21
CA VAL C 218 38.06 13.06 8.90
C VAL C 218 39.25 12.80 7.97
N GLY C 219 39.01 12.63 6.68
CA GLY C 219 40.10 12.30 5.76
C GLY C 219 40.59 10.88 5.84
N ALA C 220 39.73 9.94 6.21
CA ALA C 220 40.08 8.53 6.29
C ALA C 220 39.66 7.83 5.01
N THR C 221 39.80 6.50 5.00
CA THR C 221 39.45 5.67 3.86
C THR C 221 38.27 4.80 4.25
N VAL C 222 37.27 4.73 3.38
CA VAL C 222 36.17 3.80 3.55
C VAL C 222 36.38 2.64 2.57
N CYS C 223 36.38 1.43 3.11
CA CYS C 223 36.59 0.22 2.33
C CYS C 223 35.28 -0.53 2.22
N LEU C 224 34.75 -0.63 1.01
CA LEU C 224 33.42 -1.17 0.77
C LEU C 224 33.49 -2.70 0.72
N VAL C 225 32.73 -3.34 1.61
CA VAL C 225 32.64 -4.80 1.64
C VAL C 225 31.73 -5.22 0.50
N PRO C 226 32.18 -6.06 -0.44
CA PRO C 226 31.29 -6.47 -1.53
C PRO C 226 30.23 -7.43 -1.02
N GLU C 227 29.04 -7.31 -1.62
CA GLU C 227 27.90 -8.11 -1.20
C GLU C 227 28.16 -9.61 -1.29
N SER C 228 29.04 -9.96 -2.23
CA SER C 228 29.38 -11.38 -2.47
C SER C 228 29.90 -12.03 -1.19
N ILE C 229 30.68 -11.30 -0.38
CA ILE C 229 31.24 -11.89 0.87
C ILE C 229 30.51 -11.34 2.09
N ALA C 230 29.30 -10.81 1.93
CA ALA C 230 28.56 -10.21 3.06
C ALA C 230 28.38 -11.19 4.21
N PHE C 231 28.07 -12.44 3.93
CA PHE C 231 27.84 -13.40 5.04
C PHE C 231 28.87 -14.52 5.03
N SER C 232 29.95 -14.35 4.25
CA SER C 232 31.05 -15.33 4.19
C SER C 232 32.07 -14.92 5.25
N PRO C 233 32.09 -15.57 6.43
CA PRO C 233 32.91 -15.13 7.54
C PRO C 233 34.43 -15.22 7.36
N ARG C 234 34.94 -16.24 6.71
CA ARG C 234 36.42 -16.28 6.60
C ARG C 234 36.91 -15.18 5.67
N LEU C 235 36.13 -14.83 4.66
CA LEU C 235 36.55 -13.77 3.71
C LEU C 235 36.40 -12.39 4.35
N LEU C 236 35.42 -12.22 5.23
CA LEU C 236 35.22 -10.93 5.91
C LEU C 236 36.42 -10.65 6.81
N THR C 237 36.88 -11.65 7.55
CA THR C 237 38.06 -11.47 8.43
C THR C 237 39.33 -11.35 7.58
N ASP C 238 39.32 -11.96 6.39
CA ASP C 238 40.46 -11.85 5.46
C ASP C 238 40.46 -10.43 4.88
N PHE C 239 39.27 -9.88 4.65
CA PHE C 239 39.09 -8.51 4.12
C PHE C 239 39.64 -7.51 5.12
N ILE C 240 39.41 -7.77 6.39
CA ILE C 240 39.90 -6.88 7.47
C ILE C 240 41.43 -6.83 7.43
N ARG C 241 42.07 -7.98 7.21
CA ARG C 241 43.54 -8.05 7.17
C ARG C 241 44.08 -7.48 5.85
N GLN C 242 43.34 -7.66 4.77
CA GLN C 242 43.79 -7.18 3.45
C GLN C 242 43.80 -5.65 3.42
N HIS C 243 42.81 -5.01 4.02
CA HIS C 243 42.73 -3.55 4.01
C HIS C 243 43.19 -2.91 5.31
N GLU C 244 43.74 -3.70 6.25
CA GLU C 244 44.20 -3.19 7.54
C GLU C 244 43.13 -2.34 8.21
N ILE C 245 41.93 -2.91 8.33
CA ILE C 245 40.77 -2.20 8.88
C ILE C 245 41.01 -1.84 10.34
N SER C 246 40.61 -0.61 10.71
CA SER C 246 40.66 -0.17 12.10
C SER C 246 39.30 0.17 12.71
N ILE C 247 38.29 0.47 11.90
CA ILE C 247 36.93 0.68 12.40
C ILE C 247 36.01 -0.31 11.71
N TRP C 248 35.22 -1.03 12.52
CA TRP C 248 34.27 -2.02 12.04
C TRP C 248 32.91 -1.74 12.64
N TYR C 249 31.86 -1.85 11.83
CA TYR C 249 30.51 -1.51 12.25
C TYR C 249 29.54 -2.46 11.58
N SER C 250 28.84 -3.27 12.37
CA SER C 250 27.93 -4.27 11.82
C SER C 250 26.95 -4.70 12.90
N VAL C 251 25.94 -5.46 12.48
CA VAL C 251 25.04 -6.11 13.42
C VAL C 251 25.83 -7.21 14.14
N PRO C 252 25.43 -7.58 15.36
CA PRO C 252 26.14 -8.65 16.07
C PRO C 252 26.20 -9.97 15.32
N SER C 253 25.16 -10.28 14.53
CA SER C 253 25.10 -11.56 13.83
C SER C 253 26.32 -11.76 12.95
N VAL C 254 26.79 -10.70 12.28
CA VAL C 254 27.98 -10.80 11.46
C VAL C 254 29.19 -11.15 12.30
N LEU C 255 29.34 -10.47 13.44
CA LEU C 255 30.49 -10.72 14.31
C LEU C 255 30.54 -12.16 14.81
N MET C 256 29.37 -12.75 15.05
CA MET C 256 29.33 -14.11 15.56
C MET C 256 29.71 -15.12 14.48
N MET C 257 29.26 -14.89 13.24
CA MET C 257 29.70 -15.72 12.13
C MET C 257 31.21 -15.64 11.96
N MET C 258 31.78 -14.43 12.07
CA MET C 258 33.23 -14.29 11.95
C MET C 258 33.95 -14.92 13.12
N MET C 259 33.30 -14.95 14.29
CA MET C 259 33.88 -15.64 15.43
C MET C 259 33.74 -17.15 15.28
N GLN C 260 32.55 -17.61 14.89
CA GLN C 260 32.31 -19.05 14.79
C GLN C 260 33.14 -19.68 13.67
N ASP C 261 33.13 -19.09 12.48
CA ASP C 261 33.69 -19.71 11.30
C ASP C 261 34.73 -18.88 10.58
N GLY C 262 35.08 -17.70 11.09
CA GLY C 262 36.07 -16.90 10.42
C GLY C 262 37.40 -16.81 11.15
N ASP C 263 37.53 -17.55 12.26
CA ASP C 263 38.77 -17.56 13.03
C ASP C 263 39.14 -16.17 13.56
N LEU C 264 38.12 -15.32 13.74
CA LEU C 264 38.38 -13.95 14.18
C LEU C 264 39.01 -13.90 15.57
N LEU C 265 38.68 -14.87 16.43
CA LEU C 265 39.26 -14.95 17.76
C LEU C 265 40.60 -15.66 17.81
N SER C 266 40.98 -16.40 16.76
CA SER C 266 42.29 -17.05 16.74
C SER C 266 43.28 -16.33 15.84
N ASP C 267 42.82 -15.79 14.70
CA ASP C 267 43.66 -14.99 13.82
C ASP C 267 43.39 -13.53 14.15
N ILE C 268 44.11 -13.03 15.14
CA ILE C 268 43.78 -11.73 15.73
C ILE C 268 44.14 -10.62 14.75
N GLN C 269 43.17 -9.79 14.41
CA GLN C 269 43.33 -8.66 13.51
C GLN C 269 43.79 -7.46 14.34
N ASP C 270 45.11 -7.22 14.35
CA ASP C 270 45.69 -6.26 15.28
C ASP C 270 45.57 -4.81 14.84
N THR C 271 45.01 -4.55 13.65
CA THR C 271 44.76 -3.18 13.25
C THR C 271 43.41 -2.66 13.74
N LEU C 272 42.52 -3.55 14.19
CA LEU C 272 41.23 -3.11 14.71
C LEU C 272 41.43 -2.23 15.94
N ARG C 273 40.81 -1.06 15.92
CA ARG C 273 40.82 -0.13 17.03
C ARG C 273 39.43 0.13 17.60
N VAL C 274 38.40 0.13 16.74
CA VAL C 274 37.04 0.43 17.15
C VAL C 274 36.13 -0.64 16.54
N LEU C 275 35.29 -1.24 17.38
CA LEU C 275 34.44 -2.36 16.97
C LEU C 275 33.03 -2.04 17.47
N LEU C 276 32.18 -1.54 16.58
CA LEU C 276 30.84 -1.09 16.92
C LEU C 276 29.82 -2.10 16.43
N PHE C 277 28.78 -2.32 17.24
CA PHE C 277 27.67 -3.18 16.83
C PHE C 277 26.35 -2.52 17.19
N ALA C 278 25.30 -2.91 16.46
CA ALA C 278 23.99 -2.27 16.59
C ALA C 278 22.95 -3.15 15.92
N GLY C 279 21.68 -2.79 16.11
CA GLY C 279 20.57 -3.35 15.39
C GLY C 279 19.82 -4.46 16.11
N GLU C 280 20.47 -5.15 17.03
CA GLU C 280 19.88 -6.30 17.72
C GLU C 280 20.70 -6.58 18.96
N PRO C 281 20.16 -7.31 19.94
CA PRO C 281 20.96 -7.66 21.12
C PRO C 281 22.08 -8.60 20.73
N PHE C 282 23.19 -8.51 21.45
CA PHE C 282 24.35 -9.33 21.16
C PHE C 282 24.61 -10.29 22.31
N PRO C 283 24.31 -11.60 22.15
CA PRO C 283 24.43 -12.56 23.26
C PRO C 283 25.71 -12.44 24.06
N VAL C 284 25.57 -12.28 25.38
CA VAL C 284 26.67 -11.80 26.20
C VAL C 284 27.77 -12.84 26.34
N LYS C 285 27.41 -14.13 26.34
CA LYS C 285 28.44 -15.17 26.29
C LYS C 285 29.39 -14.94 25.12
N HIS C 286 28.84 -14.60 23.96
CA HIS C 286 29.67 -14.40 22.77
C HIS C 286 30.36 -13.04 22.80
N LEU C 287 29.65 -11.99 23.21
CA LEU C 287 30.29 -10.68 23.34
C LEU C 287 31.46 -10.73 24.31
N ARG C 288 31.33 -11.53 25.38
CA ARG C 288 32.44 -11.71 26.31
C ARG C 288 33.66 -12.31 25.61
N ASP C 289 33.44 -13.33 24.77
CA ASP C 289 34.54 -13.92 24.03
C ASP C 289 35.19 -12.91 23.09
N LEU C 290 34.38 -12.12 22.38
CA LEU C 290 34.93 -11.09 21.49
C LEU C 290 35.80 -10.11 22.24
N ARG C 291 35.36 -9.68 23.42
CA ARG C 291 36.13 -8.73 24.22
C ARG C 291 37.45 -9.35 24.69
N ALA C 292 37.47 -10.67 24.92
CA ALA C 292 38.68 -11.30 25.41
C ALA C 292 39.75 -11.39 24.33
N ALA C 293 39.35 -11.64 23.08
CA ALA C 293 40.32 -11.69 21.99
C ALA C 293 40.76 -10.30 21.58
N TYR C 294 39.90 -9.30 21.74
CA TYR C 294 40.16 -7.92 21.37
C TYR C 294 40.04 -7.05 22.62
N ALA C 295 41.00 -7.21 23.52
CA ALA C 295 40.88 -6.67 24.87
C ALA C 295 41.01 -5.15 24.91
N ASP C 296 41.69 -4.55 23.94
CA ASP C 296 41.96 -3.11 23.96
C ASP C 296 41.16 -2.34 22.92
N VAL C 297 40.14 -2.96 22.31
CA VAL C 297 39.39 -2.32 21.24
C VAL C 297 38.27 -1.51 21.89
N ARG C 298 38.04 -0.30 21.38
CA ARG C 298 36.82 0.41 21.71
C ARG C 298 35.63 -0.44 21.29
N LEU C 299 34.75 -0.75 22.24
CA LEU C 299 33.66 -1.69 22.02
C LEU C 299 32.39 -1.04 22.53
N ALA C 300 31.37 -0.94 21.66
CA ALA C 300 30.21 -0.15 22.00
C ALA C 300 28.95 -0.72 21.37
N ASN C 301 27.88 -0.69 22.14
CA ASN C 301 26.54 -1.06 21.70
C ASN C 301 25.80 0.22 21.32
N LEU C 302 25.39 0.31 20.06
CA LEU C 302 24.67 1.48 19.56
C LEU C 302 23.23 1.12 19.26
N PHE C 303 22.31 2.03 19.56
CA PHE C 303 20.89 1.74 19.55
C PHE C 303 20.13 2.81 18.78
N GLY C 304 19.08 2.39 18.08
CA GLY C 304 18.10 3.29 17.55
C GLY C 304 17.44 2.79 16.28
N PRO C 305 16.25 3.31 16.00
CA PRO C 305 15.60 3.03 14.72
C PRO C 305 16.18 3.93 13.63
N THR C 306 15.89 3.54 12.38
CA THR C 306 16.26 4.38 11.25
C THR C 306 15.70 5.79 11.40
N GLU C 307 14.50 5.90 11.97
CA GLU C 307 13.85 7.20 12.16
C GLU C 307 14.67 8.17 12.98
N THR C 308 15.59 7.69 13.83
CA THR C 308 16.46 8.55 14.61
C THR C 308 17.94 8.26 14.44
N ASN C 309 18.30 7.20 13.69
CA ASN C 309 19.63 6.63 13.69
C ASN C 309 20.04 6.31 15.13
N VAL C 310 21.31 6.47 15.48
CA VAL C 310 21.76 6.12 16.82
C VAL C 310 21.34 7.20 17.81
N CYS C 311 20.38 6.87 18.68
CA CYS C 311 19.94 7.76 19.74
C CYS C 311 20.47 7.35 21.11
N THR C 312 21.09 6.19 21.24
CA THR C 312 21.56 5.71 22.53
C THR C 312 22.80 4.85 22.31
N ALA C 313 23.78 4.97 23.20
CA ALA C 313 25.04 4.26 23.05
C ALA C 313 25.57 3.83 24.41
N PHE C 314 26.34 2.73 24.41
CA PHE C 314 26.91 2.18 25.63
C PHE C 314 28.32 1.69 25.34
N GLU C 315 29.31 2.25 26.04
CA GLU C 315 30.69 1.77 25.91
C GLU C 315 30.85 0.49 26.73
N VAL C 316 31.23 -0.60 26.08
CA VAL C 316 31.38 -1.89 26.74
C VAL C 316 32.80 -1.99 27.28
N GLY C 317 32.94 -2.10 28.60
CA GLY C 317 34.26 -2.34 29.16
C GLY C 317 34.50 -3.83 29.24
N ALA C 318 34.82 -4.34 30.43
CA ALA C 318 34.77 -5.79 30.59
C ALA C 318 33.34 -6.19 30.88
N ILE C 319 33.07 -7.48 30.79
CA ILE C 319 31.74 -8.01 31.07
C ILE C 319 31.83 -9.00 32.21
N ASP C 320 31.07 -8.75 33.27
CA ASP C 320 31.04 -9.64 34.41
C ASP C 320 30.81 -11.07 33.94
N PRO C 321 31.64 -12.03 34.36
CA PRO C 321 31.43 -13.44 33.95
C PRO C 321 30.02 -13.95 34.19
N GLU C 322 29.39 -13.54 35.28
CA GLU C 322 28.08 -14.07 35.64
C GLU C 322 26.93 -13.37 34.93
N ARG C 323 27.21 -12.38 34.09
CA ARG C 323 26.14 -11.66 33.43
C ARG C 323 25.43 -12.55 32.42
N VAL C 324 24.10 -12.44 32.38
CA VAL C 324 23.24 -13.22 31.50
C VAL C 324 22.55 -12.32 30.49
N LEU C 325 22.24 -11.16 30.89
CA LEU C 325 21.47 -10.29 30.01
C LEU C 325 22.39 -9.51 29.08
N PRO C 326 21.90 -9.19 27.86
CA PRO C 326 22.66 -8.31 26.98
C PRO C 326 23.09 -7.04 27.69
N VAL C 327 24.17 -6.41 27.22
CA VAL C 327 24.65 -5.18 27.83
C VAL C 327 23.59 -4.09 27.62
N PRO C 328 23.55 -3.06 28.45
CA PRO C 328 22.54 -2.01 28.26
C PRO C 328 22.73 -1.31 26.92
N ILE C 329 21.69 -0.60 26.48
CA ILE C 329 21.86 0.22 25.29
C ILE C 329 22.48 1.57 25.63
N GLY C 330 22.44 1.98 26.90
CA GLY C 330 23.26 3.08 27.37
C GLY C 330 22.54 4.40 27.58
N THR C 331 23.20 5.49 27.20
CA THR C 331 22.72 6.85 27.40
C THR C 331 22.62 7.58 26.07
N ALA C 332 22.06 8.78 26.13
CA ALA C 332 21.72 9.52 24.92
C ALA C 332 22.95 9.77 24.05
N ALA C 333 22.73 9.74 22.74
CA ALA C 333 23.79 9.91 21.76
C ALA C 333 23.33 10.87 20.66
N SER C 334 24.29 11.26 19.82
CA SER C 334 24.01 12.04 18.62
C SER C 334 23.34 13.37 18.93
N GLY C 335 23.67 13.97 20.08
CA GLY C 335 23.09 15.25 20.43
C GLY C 335 21.65 15.18 20.88
N ASN C 336 21.10 13.99 21.02
CA ASN C 336 19.68 13.87 21.35
C ASN C 336 19.47 13.92 22.85
N GLN C 337 18.22 14.12 23.23
CA GLN C 337 17.75 13.86 24.58
C GLN C 337 16.83 12.65 24.53
N VAL C 338 16.86 11.86 25.60
CA VAL C 338 16.24 10.54 25.61
C VAL C 338 15.57 10.32 26.96
N TRP C 339 14.38 9.71 26.94
CA TRP C 339 13.74 9.32 28.19
C TRP C 339 12.74 8.20 27.91
N ALA C 340 12.36 7.51 28.99
CA ALA C 340 11.34 6.47 28.95
C ALA C 340 10.01 7.04 29.41
N GLN C 341 8.96 6.79 28.65
CA GLN C 341 7.65 7.40 28.84
C GLN C 341 6.64 6.36 29.30
N LYS C 342 5.82 6.74 30.29
CA LYS C 342 4.62 5.98 30.64
C LYS C 342 3.55 6.24 29.57
N PRO C 343 2.50 5.41 29.53
CA PRO C 343 1.44 5.66 28.53
C PRO C 343 0.78 7.02 28.63
N ASP C 344 0.49 7.52 29.84
CA ASP C 344 -0.08 8.86 29.96
C ASP C 344 0.88 9.96 29.51
N GLY C 345 2.13 9.62 29.20
CA GLY C 345 3.08 10.58 28.70
C GLY C 345 4.09 11.08 29.72
N SER C 346 3.92 10.76 30.99
CA SER C 346 4.83 11.26 32.01
C SER C 346 6.10 10.42 32.04
N ARG C 347 7.13 10.97 32.70
CA ARG C 347 8.45 10.37 32.70
C ARG C 347 8.53 9.21 33.69
N CYS C 348 9.11 8.10 33.24
CA CYS C 348 9.28 6.93 34.08
C CYS C 348 10.31 7.17 35.18
N ALA C 349 10.11 6.47 36.31
CA ALA C 349 11.10 6.42 37.36
C ALA C 349 12.20 5.41 37.03
N VAL C 350 13.32 5.54 37.73
CA VAL C 350 14.39 4.54 37.63
C VAL C 350 13.83 3.17 37.97
N GLY C 351 14.04 2.19 37.08
CA GLY C 351 13.53 0.86 37.25
C GLY C 351 12.20 0.59 36.57
N GLU C 352 11.44 1.64 36.24
CA GLU C 352 10.14 1.46 35.62
C GLU C 352 10.28 1.28 34.11
N GLU C 353 9.56 0.30 33.56
CA GLU C 353 9.52 0.09 32.12
C GLU C 353 8.67 1.15 31.44
N GLY C 354 9.15 1.65 30.31
CA GLY C 354 8.41 2.64 29.54
C GLY C 354 8.86 2.65 28.09
N GLU C 355 8.19 3.48 27.29
CA GLU C 355 8.53 3.62 25.88
C GLU C 355 9.64 4.66 25.72
N LEU C 356 10.71 4.27 25.02
CA LEU C 356 11.80 5.19 24.74
C LEU C 356 11.32 6.33 23.84
N VAL C 357 11.62 7.56 24.24
CA VAL C 357 11.26 8.75 23.48
C VAL C 357 12.52 9.55 23.19
N VAL C 358 12.64 10.02 21.95
CA VAL C 358 13.86 10.68 21.47
C VAL C 358 13.49 12.07 20.96
N GLN C 359 14.26 13.07 21.39
CA GLN C 359 14.08 14.45 20.96
C GLN C 359 15.44 15.05 20.67
N GLY C 360 15.64 15.57 19.46
CA GLY C 360 16.89 16.19 19.11
C GLY C 360 17.22 16.16 17.62
N PRO C 361 18.49 16.41 17.30
CA PRO C 361 18.86 16.75 15.91
C PRO C 361 18.88 15.58 14.93
N THR C 362 18.89 14.33 15.38
CA THR C 362 18.85 13.22 14.44
C THR C 362 17.45 12.75 14.11
N VAL C 363 16.44 13.25 14.84
CA VAL C 363 15.06 12.89 14.53
C VAL C 363 14.72 13.27 13.10
N MET C 364 14.16 12.32 12.36
CA MET C 364 13.83 12.44 10.95
C MET C 364 12.94 13.65 10.66
N LEU C 365 12.97 14.12 9.41
CA LEU C 365 12.00 15.12 8.98
C LEU C 365 10.58 14.58 9.00
N GLY C 366 10.42 13.29 8.74
CA GLY C 366 9.12 12.64 8.70
C GLY C 366 9.11 11.65 7.56
N TYR C 367 8.06 10.88 7.40
CA TYR C 367 7.99 9.96 6.26
C TYR C 367 7.75 10.75 4.99
N PHE C 368 8.39 10.33 3.90
CA PHE C 368 8.34 11.11 2.68
C PHE C 368 6.92 11.27 2.16
N ALA C 369 6.60 12.50 1.76
CA ALA C 369 5.29 12.88 1.22
C ALA C 369 4.17 12.66 2.23
N LYS C 370 4.51 12.60 3.51
CA LYS C 370 3.58 12.42 4.61
C LYS C 370 3.85 13.53 5.61
N PRO C 371 2.93 13.79 6.55
CA PRO C 371 3.09 14.96 7.41
C PRO C 371 4.39 14.91 8.20
N ALA C 372 4.97 16.10 8.40
CA ALA C 372 6.28 16.20 9.03
C ALA C 372 6.23 15.75 10.48
N GLN C 373 7.36 15.17 10.92
CA GLN C 373 7.52 14.84 12.33
C GLN C 373 7.54 16.12 13.15
N GLU C 374 6.65 16.22 14.14
CA GLU C 374 6.64 17.32 15.09
C GLU C 374 6.77 16.78 16.49
N GLY C 375 7.68 17.37 17.27
CA GLY C 375 7.85 16.99 18.65
C GLY C 375 8.73 15.78 18.82
N PRO C 376 8.78 15.26 20.05
CA PRO C 376 9.60 14.07 20.32
C PRO C 376 9.08 12.85 19.58
N TYR C 377 10.01 11.97 19.22
CA TYR C 377 9.70 10.74 18.48
C TYR C 377 9.56 9.57 19.45
N LYS C 378 8.41 8.91 19.42
CA LYS C 378 8.21 7.66 20.16
C LYS C 378 8.71 6.48 19.33
N THR C 379 9.68 5.74 19.87
CA THR C 379 10.37 4.72 19.10
C THR C 379 9.61 3.39 19.04
N GLY C 380 8.73 3.13 20.00
CA GLY C 380 8.12 1.83 20.10
C GLY C 380 8.99 0.78 20.76
N ASP C 381 10.15 1.17 21.28
CA ASP C 381 11.07 0.26 21.94
C ASP C 381 10.91 0.40 23.45
N MET C 382 10.53 -0.69 24.11
CA MET C 382 10.38 -0.68 25.55
C MET C 382 11.76 -0.71 26.22
N VAL C 383 11.92 0.09 27.28
CA VAL C 383 13.21 0.29 27.92
C VAL C 383 12.99 0.48 29.41
N ARG C 384 14.07 0.32 30.17
CA ARG C 384 14.06 0.48 31.62
C ARG C 384 15.34 1.18 31.99
N GLN C 385 15.26 2.24 32.80
CA GLN C 385 16.45 2.96 33.20
C GLN C 385 17.00 2.37 34.48
N ARG C 386 18.29 2.07 34.47
CA ARG C 386 19.01 1.49 35.58
C ARG C 386 19.51 2.61 36.49
N PRO C 387 19.75 2.32 37.78
CA PRO C 387 20.22 3.37 38.69
C PRO C 387 21.42 4.17 38.21
N ASP C 388 22.34 3.57 37.47
CA ASP C 388 23.51 4.29 36.99
C ASP C 388 23.20 5.20 35.81
N GLY C 389 21.94 5.27 35.36
CA GLY C 389 21.53 6.15 34.30
C GLY C 389 21.42 5.49 32.94
N ASN C 390 22.07 4.34 32.75
CA ASN C 390 21.99 3.64 31.47
C ASN C 390 20.63 2.99 31.30
N TYR C 391 20.14 2.99 30.06
CA TYR C 391 18.89 2.32 29.72
C TYR C 391 19.17 0.91 29.23
N GLU C 392 18.21 0.02 29.49
CA GLU C 392 18.25 -1.35 29.00
C GLU C 392 17.06 -1.61 28.11
N TYR C 393 17.30 -2.29 26.99
CA TYR C 393 16.24 -2.61 26.03
C TYR C 393 15.46 -3.84 26.47
N LEU C 394 14.14 -3.78 26.36
CA LEU C 394 13.27 -4.86 26.79
C LEU C 394 12.50 -5.53 25.67
N GLY C 395 12.44 -4.92 24.49
CA GLY C 395 11.64 -5.43 23.40
C GLY C 395 10.62 -4.41 22.95
N ARG C 396 9.71 -4.86 22.10
CA ARG C 396 8.69 -4.00 21.53
C ARG C 396 7.31 -4.53 21.90
N ARG C 397 6.32 -3.64 21.80
CA ARG C 397 4.92 -4.03 22.00
C ARG C 397 4.19 -4.27 20.69
N ASP C 398 4.70 -3.77 19.58
CA ASP C 398 4.03 -3.90 18.29
C ASP C 398 4.51 -5.17 17.62
N ASP C 399 4.36 -5.25 16.29
CA ASP C 399 4.68 -6.43 15.51
C ASP C 399 5.97 -6.28 14.71
N MET C 400 6.84 -5.33 15.08
CA MET C 400 8.14 -5.28 14.44
C MET C 400 8.99 -6.44 14.92
N LEU C 401 9.57 -7.16 13.97
CA LEU C 401 10.42 -8.30 14.27
C LEU C 401 11.85 -8.02 13.84
N LYS C 402 12.76 -8.78 14.43
CA LYS C 402 14.15 -8.77 14.04
C LYS C 402 14.58 -10.19 13.83
N VAL C 403 15.20 -10.45 12.70
CA VAL C 403 15.88 -11.72 12.51
C VAL C 403 17.29 -11.35 12.12
N ARG C 404 18.22 -11.52 13.05
CA ARG C 404 19.61 -11.31 12.78
C ARG C 404 19.84 -9.92 12.14
N GLY C 405 19.25 -8.93 12.79
CA GLY C 405 19.42 -7.53 12.50
C GLY C 405 18.42 -6.92 11.54
N ASN C 406 17.66 -7.74 10.81
CA ASN C 406 16.75 -7.22 9.79
C ASN C 406 15.41 -6.84 10.39
N ARG C 407 15.00 -5.59 10.17
CA ARG C 407 13.70 -5.11 10.61
C ARG C 407 12.62 -5.64 9.68
N ILE C 408 11.68 -6.39 10.24
CA ILE C 408 10.62 -7.06 9.47
C ILE C 408 9.32 -6.85 10.20
N GLU C 409 8.37 -6.17 9.56
CA GLU C 409 7.04 -6.08 10.14
C GLU C 409 6.31 -7.40 9.91
N ARG C 410 5.73 -7.92 11.00
CA ARG C 410 4.96 -9.15 10.92
C ARG C 410 3.90 -9.08 9.82
N GLY C 411 3.32 -7.90 9.62
CA GLY C 411 2.29 -7.74 8.60
C GLY C 411 2.82 -7.76 7.18
N GLU C 412 4.06 -7.29 6.98
CA GLU C 412 4.67 -7.36 5.65
C GLU C 412 4.77 -8.81 5.18
N VAL C 413 5.20 -9.71 6.06
CA VAL C 413 5.31 -11.12 5.70
C VAL C 413 3.92 -11.75 5.64
N GLU C 414 3.09 -11.50 6.66
CA GLU C 414 1.75 -12.08 6.71
C GLU C 414 0.97 -11.79 5.44
N ALA C 415 1.01 -10.55 4.95
CA ALA C 415 0.27 -10.21 3.73
C ALA C 415 0.79 -10.99 2.54
N ALA C 416 2.11 -11.14 2.44
CA ALA C 416 2.69 -11.93 1.36
C ALA C 416 2.24 -13.38 1.44
N LEU C 417 2.07 -13.91 2.65
CA LEU C 417 1.59 -15.29 2.80
C LEU C 417 0.11 -15.40 2.44
N LEU C 418 -0.70 -14.41 2.86
CA LEU C 418 -2.13 -14.46 2.55
C LEU C 418 -2.38 -14.37 1.06
N ALA C 419 -1.47 -13.73 0.32
CA ALA C 419 -1.64 -13.59 -1.13
C ALA C 419 -1.55 -14.92 -1.86
N HIS C 420 -1.01 -15.96 -1.24
CA HIS C 420 -0.98 -17.27 -1.87
C HIS C 420 -2.41 -17.81 -2.00
N PRO C 421 -2.77 -18.38 -3.15
CA PRO C 421 -4.15 -18.87 -3.34
C PRO C 421 -4.60 -19.91 -2.32
N GLN C 422 -3.68 -20.73 -1.79
CA GLN C 422 -4.06 -21.81 -0.89
C GLN C 422 -3.99 -21.40 0.58
N VAL C 423 -3.41 -20.26 0.90
CA VAL C 423 -3.27 -19.82 2.28
C VAL C 423 -4.53 -19.07 2.69
N SER C 424 -5.16 -19.50 3.78
CA SER C 424 -6.40 -18.91 4.29
C SER C 424 -6.13 -17.86 5.36
N GLU C 425 -5.44 -18.26 6.41
CA GLU C 425 -5.02 -17.37 7.48
C GLU C 425 -3.53 -17.58 7.66
N ALA C 426 -2.88 -16.60 8.26
CA ALA C 426 -1.43 -16.71 8.42
C ALA C 426 -1.02 -15.91 9.64
N ALA C 427 -0.16 -16.51 10.46
CA ALA C 427 0.46 -15.82 11.58
C ALA C 427 1.95 -16.09 11.51
N VAL C 428 2.73 -15.04 11.69
CA VAL C 428 4.18 -15.10 11.57
C VAL C 428 4.79 -14.75 12.91
N LEU C 429 5.81 -15.52 13.31
CA LEU C 429 6.47 -15.26 14.57
C LEU C 429 7.90 -15.77 14.49
N VAL C 430 8.78 -15.19 15.29
CA VAL C 430 10.18 -15.60 15.32
C VAL C 430 10.39 -16.56 16.49
N VAL C 431 11.07 -17.67 16.21
CA VAL C 431 11.38 -18.71 17.19
C VAL C 431 12.88 -18.88 17.26
N GLY C 432 13.41 -18.81 18.46
CA GLY C 432 14.83 -18.86 18.73
C GLY C 432 15.41 -17.47 18.94
N GLU C 433 16.49 -17.41 19.70
CA GLU C 433 17.23 -16.20 19.96
C GLU C 433 18.61 -16.33 19.34
N GLY C 434 19.23 -15.18 19.09
CA GLY C 434 20.58 -15.19 18.57
C GLY C 434 20.62 -15.82 17.18
N MET C 435 21.65 -16.64 16.94
CA MET C 435 21.82 -17.19 15.60
C MET C 435 20.83 -18.30 15.26
N ASN C 436 20.04 -18.76 16.21
CA ASN C 436 19.04 -19.78 15.93
C ASN C 436 17.68 -19.17 15.63
N ALA C 437 17.59 -17.84 15.53
CA ALA C 437 16.32 -17.20 15.21
C ALA C 437 15.86 -17.61 13.81
N GLN C 438 14.61 -18.07 13.74
CA GLN C 438 14.00 -18.51 12.48
C GLN C 438 12.61 -17.91 12.35
N LEU C 439 12.27 -17.50 11.14
CA LEU C 439 10.96 -16.95 10.83
C LEU C 439 10.01 -18.11 10.51
N TRP C 440 8.95 -18.25 11.30
CA TRP C 440 7.96 -19.30 11.10
C TRP C 440 6.66 -18.70 10.58
N GLY C 441 6.05 -19.39 9.63
CA GLY C 441 4.70 -19.07 9.20
C GLY C 441 3.74 -20.16 9.60
N VAL C 442 2.72 -19.79 10.37
CA VAL C 442 1.66 -20.71 10.77
C VAL C 442 0.43 -20.41 9.93
N LEU C 443 0.04 -21.37 9.10
CA LEU C 443 -0.98 -21.15 8.08
C LEU C 443 -2.13 -22.12 8.26
N VAL C 444 -3.27 -21.76 7.68
CA VAL C 444 -4.42 -22.63 7.56
C VAL C 444 -4.74 -22.76 6.07
N ALA C 445 -4.77 -23.99 5.57
CA ALA C 445 -5.02 -24.20 4.15
C ALA C 445 -6.51 -24.38 3.88
N HIS C 446 -6.98 -23.74 2.82
CA HIS C 446 -8.36 -23.92 2.38
C HIS C 446 -8.61 -25.34 1.91
N THR C 447 -7.61 -25.95 1.28
CA THR C 447 -7.73 -27.28 0.69
C THR C 447 -6.78 -28.23 1.39
N ARG C 448 -7.03 -29.52 1.19
CA ARG C 448 -6.26 -30.59 1.83
C ARG C 448 -4.76 -30.51 1.57
N ASP C 449 -4.12 -29.47 2.10
CA ASP C 449 -2.66 -29.29 2.05
C ASP C 449 -2.22 -29.26 0.59
N ALA C 450 -1.30 -30.14 0.16
CA ALA C 450 -0.70 -30.11 -1.17
C ALA C 450 -0.20 -28.71 -1.53
N LEU C 451 0.60 -28.15 -0.63
CA LEU C 451 1.28 -26.88 -0.84
C LEU C 451 2.77 -27.08 -0.61
N SER C 452 3.57 -26.78 -1.62
CA SER C 452 5.02 -26.95 -1.52
C SER C 452 5.65 -25.75 -0.83
N LEU C 453 6.50 -26.03 0.16
CA LEU C 453 7.29 -24.95 0.77
C LEU C 453 8.14 -24.24 -0.28
N ILE C 454 8.58 -24.96 -1.30
CA ILE C 454 9.33 -24.34 -2.40
C ILE C 454 8.40 -23.49 -3.25
N ASP C 455 7.21 -24.00 -3.56
CA ASP C 455 6.23 -23.21 -4.28
C ASP C 455 5.85 -21.97 -3.47
N LEU C 456 5.77 -22.11 -2.13
CA LEU C 456 5.50 -20.95 -1.28
C LEU C 456 6.68 -19.99 -1.24
N LYS C 457 7.90 -20.53 -1.21
CA LYS C 457 9.08 -19.65 -1.13
C LYS C 457 9.31 -18.93 -2.45
N ARG C 458 9.01 -19.59 -3.57
CA ARG C 458 9.01 -18.89 -4.85
C ARG C 458 7.99 -17.76 -4.84
N HIS C 459 6.80 -18.01 -4.27
CA HIS C 459 5.76 -16.98 -4.16
C HIS C 459 6.22 -15.80 -3.31
N CYS C 460 6.82 -16.09 -2.15
CA CYS C 460 7.30 -15.02 -1.29
C CYS C 460 8.43 -14.24 -1.94
N ALA C 461 9.28 -14.92 -2.73
CA ALA C 461 10.41 -14.26 -3.35
C ALA C 461 9.98 -13.19 -4.35
N GLN C 462 8.77 -13.31 -4.91
CA GLN C 462 8.28 -12.28 -5.83
C GLN C 462 7.86 -11.01 -5.11
N ARG C 463 7.58 -11.08 -3.81
CA ARG C 463 7.04 -9.95 -3.08
C ARG C 463 8.00 -9.40 -2.02
N LEU C 464 8.89 -10.23 -1.49
CA LEU C 464 9.73 -9.92 -0.34
C LEU C 464 11.19 -10.18 -0.65
N PRO C 465 12.11 -9.47 0.01
CA PRO C 465 13.52 -9.88 -0.02
C PRO C 465 13.74 -11.19 0.71
N ARG C 466 14.88 -11.82 0.39
CA ARG C 466 15.14 -13.19 0.82
C ARG C 466 15.08 -13.32 2.34
N TYR C 467 15.55 -12.31 3.08
CA TYR C 467 15.57 -12.44 4.52
C TYR C 467 14.19 -12.33 5.16
N MET C 468 13.15 -11.97 4.41
CA MET C 468 11.81 -11.93 4.95
C MET C 468 10.99 -13.17 4.60
N ILE C 469 11.49 -14.04 3.75
CA ILE C 469 10.76 -15.26 3.40
C ILE C 469 10.78 -16.20 4.59
N ILE C 470 9.66 -16.89 4.83
CA ILE C 470 9.58 -17.77 5.98
C ILE C 470 10.57 -18.91 5.83
N ASP C 471 11.24 -19.25 6.92
CA ASP C 471 12.18 -20.37 6.92
C ASP C 471 11.45 -21.70 6.99
N LYS C 472 10.48 -21.81 7.90
CA LYS C 472 9.77 -23.06 8.11
C LYS C 472 8.28 -22.77 8.33
N VAL C 473 7.44 -23.74 7.97
CA VAL C 473 5.99 -23.63 8.02
C VAL C 473 5.39 -24.71 8.91
N LEU C 474 4.28 -24.35 9.55
CA LEU C 474 3.45 -25.26 10.34
C LEU C 474 2.02 -25.08 9.90
N CYS C 475 1.43 -26.14 9.35
CA CYS C 475 0.06 -26.14 8.83
C CYS C 475 -0.90 -26.63 9.89
N LEU C 476 -1.96 -25.86 10.14
CA LEU C 476 -3.00 -26.23 11.09
C LEU C 476 -4.35 -26.10 10.42
N ASP C 477 -5.37 -26.68 11.07
CA ASP C 477 -6.73 -26.52 10.61
C ASP C 477 -7.37 -25.25 11.17
N ALA C 478 -6.82 -24.72 12.25
CA ALA C 478 -7.30 -23.51 12.90
C ALA C 478 -6.17 -22.87 13.69
N LEU C 479 -6.24 -21.56 13.84
CA LEU C 479 -5.30 -20.80 14.67
C LEU C 479 -5.85 -20.64 16.08
N PRO C 480 -4.98 -20.76 17.10
CA PRO C 480 -5.42 -20.67 18.48
C PRO C 480 -5.68 -19.23 18.92
N ARG C 481 -6.71 -19.06 19.74
CA ARG C 481 -7.18 -17.73 20.12
C ARG C 481 -6.98 -17.49 21.61
N ASN C 482 -6.74 -16.23 21.96
CA ASN C 482 -6.65 -15.80 23.35
C ASN C 482 -8.02 -15.74 24.00
N VAL C 487 -11.21 -12.32 21.07
CA VAL C 487 -9.80 -12.61 21.30
C VAL C 487 -9.32 -13.72 20.38
N ASP C 488 -8.19 -13.49 19.72
CA ASP C 488 -7.69 -14.41 18.71
C ASP C 488 -6.18 -14.26 18.60
N ARG C 489 -5.54 -15.32 18.08
CA ARG C 489 -4.10 -15.36 17.86
C ARG C 489 -3.29 -15.21 19.15
N PHE C 490 -3.24 -16.27 19.95
CA PHE C 490 -2.32 -16.36 21.08
C PHE C 490 -0.98 -16.87 20.56
N ALA C 491 -0.01 -15.96 20.43
CA ALA C 491 1.32 -16.34 19.97
C ALA C 491 2.03 -17.30 20.93
N LEU C 492 1.74 -17.21 22.22
CA LEU C 492 2.38 -18.11 23.18
C LEU C 492 2.01 -19.56 22.91
N ALA C 493 0.77 -19.81 22.52
CA ALA C 493 0.38 -21.16 22.11
C ALA C 493 1.10 -21.59 20.84
N ARG C 494 1.23 -20.68 19.88
CA ARG C 494 1.93 -21.00 18.63
C ARG C 494 3.39 -21.36 18.87
N GLN C 495 4.03 -20.71 19.86
CA GLN C 495 5.44 -20.96 20.10
C GLN C 495 5.67 -22.37 20.65
N VAL C 496 4.76 -22.85 21.49
CA VAL C 496 4.83 -24.24 21.95
C VAL C 496 4.62 -25.19 20.78
N GLU C 497 3.81 -24.78 19.80
CA GLU C 497 3.61 -25.61 18.61
C GLU C 497 4.90 -25.69 17.79
N GLY C 498 5.69 -24.62 17.77
CA GLY C 498 6.97 -24.65 17.08
C GLY C 498 7.93 -25.63 17.72
N LYS C 499 8.08 -25.55 19.05
CA LYS C 499 8.97 -26.47 19.75
C LYS C 499 8.54 -27.92 19.54
N LEU C 500 7.23 -28.17 19.52
CA LEU C 500 6.75 -29.52 19.24
C LEU C 500 7.11 -29.95 17.83
N ALA C 501 7.01 -29.04 16.87
CA ALA C 501 7.40 -29.36 15.50
C ALA C 501 8.88 -29.71 15.43
N ALA C 502 9.71 -29.01 16.22
CA ALA C 502 11.15 -29.24 16.27
C ALA C 502 11.47 -30.47 17.14
N ALA C 503 10.88 -31.60 16.76
CA ALA C 503 11.17 -32.85 17.47
C ALA C 503 12.64 -33.23 17.34
N LEU C 504 13.22 -33.01 16.17
CA LEU C 504 14.63 -33.32 15.90
C LEU C 504 14.98 -34.76 16.28
N MET D 1 26.89 -40.57 -6.75
CA MET D 1 26.31 -39.38 -7.35
C MET D 1 26.25 -38.23 -6.35
N LEU D 2 27.24 -37.34 -6.38
CA LEU D 2 27.33 -36.31 -5.37
C LEU D 2 26.10 -35.40 -5.44
N GLU D 3 25.68 -35.04 -6.65
CA GLU D 3 24.48 -34.21 -6.80
C GLU D 3 23.29 -34.84 -6.09
N SER D 4 23.19 -36.17 -6.15
CA SER D 4 22.07 -36.87 -5.51
C SER D 4 22.09 -36.69 -4.00
N LYS D 5 23.28 -36.73 -3.39
CA LYS D 5 23.39 -36.62 -1.94
C LYS D 5 23.14 -35.20 -1.46
N LEU D 6 23.33 -34.19 -2.32
CA LEU D 6 23.10 -32.80 -1.96
C LEU D 6 21.63 -32.41 -2.06
N ILE D 7 20.98 -32.71 -3.19
CA ILE D 7 19.54 -32.47 -3.31
C ILE D 7 18.80 -33.16 -2.17
N ASN D 8 19.16 -34.41 -1.91
CA ASN D 8 18.54 -35.16 -0.81
C ASN D 8 18.73 -34.43 0.52
N HIS D 9 19.99 -34.09 0.85
CA HIS D 9 20.27 -33.39 2.10
C HIS D 9 19.49 -32.08 2.19
N ILE D 10 19.44 -31.30 1.11
CA ILE D 10 18.78 -30.00 1.15
C ILE D 10 17.27 -30.19 1.36
N ALA D 11 16.69 -31.22 0.73
CA ALA D 11 15.28 -31.52 0.98
C ALA D 11 15.05 -31.95 2.42
N THR D 12 15.98 -32.73 2.98
CA THR D 12 15.86 -33.20 4.36
C THR D 12 16.03 -32.07 5.37
N GLN D 13 17.16 -31.37 5.32
CA GLN D 13 17.44 -30.37 6.35
C GLN D 13 16.61 -29.11 6.18
N PHE D 14 16.39 -28.67 4.95
CA PHE D 14 15.79 -27.37 4.72
C PHE D 14 14.40 -27.41 4.11
N LEU D 15 13.95 -28.55 3.58
CA LEU D 15 12.65 -28.59 2.96
C LEU D 15 11.66 -29.59 3.56
N ASP D 16 12.01 -30.28 4.64
CA ASP D 16 11.12 -31.26 5.26
C ASP D 16 10.64 -32.27 4.22
N GLY D 17 11.59 -32.81 3.46
CA GLY D 17 11.25 -33.72 2.40
C GLY D 17 10.81 -32.93 1.19
N GLU D 18 9.64 -33.29 0.64
CA GLU D 18 9.09 -32.73 -0.59
C GLU D 18 10.18 -32.34 -1.56
N LYS D 19 10.59 -33.27 -2.43
CA LYS D 19 11.65 -32.94 -3.37
C LYS D 19 11.12 -32.27 -4.61
N ASP D 20 9.82 -32.00 -4.66
CA ASP D 20 9.21 -31.39 -5.83
C ASP D 20 9.73 -29.97 -6.04
N GLY D 21 10.15 -29.68 -7.27
CA GLY D 21 10.69 -28.39 -7.65
C GLY D 21 12.13 -28.12 -7.30
N LEU D 22 12.82 -29.04 -6.63
CA LEU D 22 14.22 -28.87 -6.27
C LEU D 22 15.09 -29.60 -7.28
N ASP D 23 16.08 -28.92 -7.83
CA ASP D 23 17.05 -29.58 -8.71
C ASP D 23 18.36 -28.79 -8.71
N SER D 24 19.32 -29.28 -9.49
CA SER D 24 20.65 -28.69 -9.60
C SER D 24 20.63 -27.21 -9.94
N GLN D 25 19.53 -26.68 -10.48
CA GLN D 25 19.48 -25.30 -10.93
C GLN D 25 18.71 -24.38 -9.98
N THR D 26 18.05 -24.93 -8.96
CA THR D 26 17.30 -24.10 -8.03
C THR D 26 18.23 -23.20 -7.22
N PRO D 27 18.04 -21.88 -7.25
CA PRO D 27 18.90 -20.98 -6.44
C PRO D 27 18.45 -21.01 -4.99
N LEU D 28 19.34 -21.49 -4.11
CA LEU D 28 18.94 -21.78 -2.74
C LEU D 28 18.90 -20.55 -1.84
N PHE D 29 19.79 -19.57 -2.07
CA PHE D 29 19.83 -18.39 -1.21
C PHE D 29 18.80 -17.35 -1.65
N GLU D 30 18.67 -17.18 -2.96
CA GLU D 30 17.71 -16.24 -3.56
C GLU D 30 16.27 -16.61 -3.21
N LEU D 31 16.01 -17.89 -2.98
CA LEU D 31 14.71 -18.44 -2.65
C LEU D 31 14.58 -18.80 -1.16
N ASN D 32 15.55 -18.40 -0.34
CA ASN D 32 15.60 -18.67 1.10
C ASN D 32 15.39 -20.14 1.44
N ILE D 33 15.80 -21.03 0.55
CA ILE D 33 15.90 -22.43 0.94
C ILE D 33 16.99 -22.60 1.99
N VAL D 34 18.17 -22.04 1.70
CA VAL D 34 19.28 -22.00 2.64
C VAL D 34 19.52 -20.53 2.93
N ASP D 35 19.50 -20.15 4.21
CA ASP D 35 19.77 -18.77 4.58
C ASP D 35 21.24 -18.54 4.95
N SER D 36 21.51 -17.34 5.46
CA SER D 36 22.86 -16.96 5.89
C SER D 36 23.29 -17.77 7.10
N ALA D 37 22.35 -18.22 7.91
CA ALA D 37 22.60 -18.95 9.14
C ALA D 37 22.75 -20.44 8.90
N ALA D 38 22.56 -20.90 7.66
CA ALA D 38 22.77 -22.30 7.32
C ALA D 38 23.86 -22.53 6.29
N ILE D 39 24.59 -21.50 5.88
CA ILE D 39 25.65 -21.70 4.90
C ILE D 39 26.79 -22.50 5.49
N PHE D 40 27.04 -22.34 6.80
CA PHE D 40 28.15 -23.04 7.42
C PHE D 40 27.83 -24.51 7.66
N ASP D 41 26.57 -24.82 7.96
CA ASP D 41 26.15 -26.21 8.01
C ASP D 41 26.23 -26.90 6.65
N LEU D 42 26.12 -26.11 5.57
CA LEU D 42 26.22 -26.68 4.23
C LEU D 42 27.66 -27.01 3.86
N VAL D 43 28.61 -26.14 4.19
CA VAL D 43 30.02 -26.46 3.97
C VAL D 43 30.41 -27.65 4.82
N ASP D 44 29.81 -27.77 6.01
CA ASP D 44 30.12 -28.86 6.93
C ASP D 44 29.69 -30.20 6.34
N PHE D 45 28.61 -30.23 5.57
CA PHE D 45 28.18 -31.44 4.90
C PHE D 45 29.04 -31.77 3.68
N LEU D 46 29.53 -30.75 2.97
CA LEU D 46 30.37 -30.99 1.81
C LEU D 46 31.71 -31.60 2.20
N ARG D 47 32.14 -31.42 3.44
CA ARG D 47 33.35 -32.09 3.93
C ARG D 47 33.06 -33.52 4.35
N GLN D 48 31.84 -33.80 4.80
CA GLN D 48 31.49 -35.14 5.22
C GLN D 48 31.15 -36.03 4.03
N GLU D 49 30.33 -35.51 3.10
CA GLU D 49 29.94 -36.31 1.95
C GLU D 49 31.10 -36.51 0.99
N SER D 50 31.92 -35.47 0.78
CA SER D 50 32.98 -35.55 -0.21
C SER D 50 34.38 -35.79 0.36
N LYS D 51 34.63 -35.47 1.63
CA LYS D 51 35.97 -35.62 2.20
C LYS D 51 36.96 -34.78 1.39
N VAL D 52 36.55 -33.57 1.03
CA VAL D 52 37.35 -32.69 0.18
C VAL D 52 38.02 -31.61 1.02
N SER D 53 38.41 -30.50 0.38
CA SER D 53 39.26 -29.53 1.07
C SER D 53 38.46 -28.78 2.14
N ILE D 54 37.24 -28.37 1.79
CA ILE D 54 36.29 -27.78 2.73
C ILE D 54 36.85 -26.64 3.57
N GLY D 55 37.71 -25.82 2.98
CA GLY D 55 38.18 -24.68 3.74
C GLY D 55 37.18 -23.55 3.64
N MET D 56 37.21 -22.67 4.64
CA MET D 56 36.28 -21.56 4.65
C MET D 56 36.70 -20.43 3.70
N GLN D 57 37.91 -20.50 3.13
CA GLN D 57 38.40 -19.41 2.30
C GLN D 57 37.49 -19.10 1.12
N GLU D 58 36.82 -20.11 0.55
CA GLU D 58 35.93 -19.89 -0.61
C GLU D 58 34.48 -20.22 -0.26
N ILE D 59 33.84 -19.37 0.54
CA ILE D 59 32.38 -19.44 0.72
C ILE D 59 31.72 -18.31 -0.07
N HIS D 60 31.93 -18.28 -1.38
CA HIS D 60 31.44 -17.32 -2.36
C HIS D 60 30.02 -17.71 -2.80
N PRO D 61 29.16 -16.75 -3.16
CA PRO D 61 27.79 -17.12 -3.60
C PRO D 61 27.78 -17.97 -4.84
N ALA D 62 28.76 -17.76 -5.71
CA ALA D 62 28.84 -18.53 -6.94
C ALA D 62 29.06 -20.01 -6.63
N ASN D 63 29.84 -20.31 -5.59
CA ASN D 63 30.10 -21.70 -5.26
C ASN D 63 28.89 -22.40 -4.65
N PHE D 64 28.05 -21.68 -3.91
CA PHE D 64 26.97 -22.31 -3.16
C PHE D 64 25.56 -21.90 -3.60
N ALA D 65 25.43 -21.04 -4.62
CA ALA D 65 24.11 -20.65 -5.13
C ALA D 65 23.24 -21.87 -5.42
N THR D 66 23.80 -22.88 -6.07
CA THR D 66 23.05 -24.05 -6.50
C THR D 66 23.83 -25.33 -6.21
N VAL D 67 23.13 -26.46 -6.31
CA VAL D 67 23.79 -27.77 -6.19
C VAL D 67 24.78 -27.96 -7.34
N GLN D 68 24.42 -27.49 -8.54
CA GLN D 68 25.35 -27.57 -9.66
C GLN D 68 26.60 -26.75 -9.40
N SER D 69 26.50 -25.72 -8.55
CA SER D 69 27.66 -24.94 -8.17
C SER D 69 28.55 -25.68 -7.19
N MET D 70 27.94 -26.42 -6.24
CA MET D 70 28.73 -27.10 -5.22
C MET D 70 29.54 -28.26 -5.81
N VAL D 71 29.01 -28.96 -6.82
CA VAL D 71 29.79 -30.00 -7.48
C VAL D 71 31.04 -29.41 -8.12
N ALA D 72 30.91 -28.25 -8.78
CA ALA D 72 32.06 -27.63 -9.42
C ALA D 72 33.16 -27.33 -8.42
N LEU D 73 32.80 -26.90 -7.21
CA LEU D 73 33.81 -26.62 -6.19
C LEU D 73 34.54 -27.89 -5.76
N VAL D 74 33.81 -28.99 -5.55
CA VAL D 74 34.46 -30.21 -5.08
C VAL D 74 35.27 -30.85 -6.19
N GLN D 75 34.76 -30.81 -7.42
CA GLN D 75 35.56 -31.23 -8.57
C GLN D 75 36.85 -30.42 -8.66
N ARG D 76 36.76 -29.10 -8.54
CA ARG D 76 37.95 -28.26 -8.59
C ARG D 76 38.84 -28.47 -7.37
N LEU D 77 38.27 -28.29 -6.17
CA LEU D 77 39.03 -28.46 -4.93
C LEU D 77 39.27 -29.93 -4.62
N1 AZI E . -5.43 -2.87 13.71
N2 AZI E . -4.77 -1.92 13.84
N3 AZI E . -4.12 -0.97 13.96
N1 AZI F . -9.03 -10.66 7.37
N2 AZI F . -8.94 -11.41 6.49
N3 AZI F . -8.84 -12.17 5.61
N1 AZI G . -11.31 5.22 6.51
N2 AZI G . -10.28 5.14 6.00
N3 AZI G . -9.25 5.05 5.48
N I5M H . -20.50 4.16 3.60
S I5M H . -17.16 5.44 1.32
C1 I5M H . -21.89 5.96 3.06
N1 I5M H . -17.03 6.94 1.70
O1 I5M H . -16.06 4.80 1.81
C2 I5M H . -22.59 5.16 4.11
N2 I5M H . -18.74 10.45 4.15
O2 I5M H . -17.19 9.31 2.87
C3 I5M H . -20.90 5.00 2.48
N3 I5M H . -20.65 9.77 4.81
O3 I5M H . -15.23 10.90 4.42
C4 I5M H . -19.70 5.72 1.94
C5 I5M H . -18.52 4.77 1.88
C6 I5M H . -16.60 7.05 3.08
N6 I5M H . -19.23 12.80 4.35
N7 I5M H . -21.60 5.85 -2.64
C8 I5M H . -17.36 10.43 3.67
O10 I5M H . -21.56 9.36 -12.69
P I5M H . -21.64 10.92 -11.79
O9 I5M H . -20.12 11.79 -11.32
O8 I5M H . -22.96 11.08 -10.75
C26 I5M H . -23.72 9.93 -10.55
C23 I5M H . -23.51 9.52 -9.14
C24 I5M H . -23.60 10.71 -8.23
C25 I5M H . -24.58 8.53 -8.81
C22 I5M H . -22.15 8.89 -9.01
O7 I5M H . -21.17 9.88 -8.86
C21 I5M H . -22.18 7.90 -7.90
O6 I5M H . -22.60 6.82 -8.13
N8 I5M H . -21.78 8.25 -6.71
C20 I5M H . -21.11 7.26 -5.91
C19 I5M H . -21.32 7.42 -4.43
C18 I5M H . -21.86 6.15 -3.88
O5 I5M H . -22.54 5.45 -4.57
C17 I5M H . -20.33 5.43 -2.15
C16 I5M H . -20.48 4.95 -0.73
S1 I5M H . -20.14 6.28 0.35
O I5M H . -17.11 5.31 -0.04
C7 I5M H . -16.19 8.47 3.36
C10 I5M H . -16.16 8.78 4.83
O4 I5M H . -14.91 8.49 5.41
C9 I5M H . -16.42 10.25 4.82
C15 I5M H . -19.47 11.49 4.41
C12 I5M H . -20.67 11.08 4.83
C11 I5M H . -19.46 9.39 4.39
C14 I5M H . -20.16 13.65 4.68
N5 I5M H . -21.34 13.28 5.08
C13 I5M H . -21.61 11.99 5.16
N4 I5M H . -22.93 11.57 5.61
C27 I5M H . -21.62 4.09 4.51
N1 AZI I . 39.21 15.03 20.97
N2 AZI I . 38.75 14.04 20.60
N3 AZI I . 38.27 13.06 20.22
N1 AZI J . 7.18 -5.67 26.32
N2 AZI J . 8.08 -6.40 26.47
N3 AZI J . 8.96 -7.13 26.62
N I5M K . 19.59 2.34 13.40
S I5M K . 16.37 -0.50 12.02
C1 I5M K . 21.00 0.54 14.14
N1 I5M K . 16.14 -1.37 13.35
O1 I5M K . 16.57 -1.42 10.95
C2 I5M K . 21.76 1.84 14.37
N2 I5M K . 17.56 -2.16 17.67
O2 I5M K . 16.23 -2.29 15.86
C3 I5M K . 19.97 0.95 13.09
N3 I5M K . 19.54 -1.23 17.77
O3 I5M K . 13.92 -2.10 18.18
C4 I5M K . 18.79 -0.02 13.05
C5 I5M K . 17.68 0.52 12.14
C6 I5M K . 15.19 -0.65 14.19
N6 I5M K . 17.88 -3.73 19.51
N7 I5M K . 20.08 -3.45 9.54
C8 I5M K . 16.16 -2.50 17.27
O10 I5M K . 20.68 -14.55 7.20
P I5M K . 21.39 -13.53 5.85
O9 I5M K . 20.38 -13.39 4.34
O8 I5M K . 22.78 -12.56 6.11
C26 I5M K . 23.12 -12.18 7.43
C23 I5M K . 23.31 -10.69 7.49
C24 I5M K . 23.95 -10.27 8.79
C25 I5M K . 24.25 -10.45 6.28
C22 I5M K . 21.94 -9.97 7.37
O7 I5M K . 21.03 -10.42 8.39
C21 I5M K . 22.05 -8.46 7.36
O6 I5M K . 22.82 -7.86 6.61
N8 I5M K . 21.36 -7.84 8.31
C20 I5M K . 21.79 -6.68 9.01
C19 I5M K . 20.56 -5.82 9.13
C18 I5M K . 20.95 -4.37 9.15
O5 I5M K . 22.06 -4.07 8.76
C17 I5M K . 20.66 -2.22 10.05
C16 I5M K . 19.68 -1.25 10.70
S1 I5M K . 19.39 -1.54 12.41
O I5M K . 15.20 0.26 11.73
C7 I5M K . 15.29 -1.24 15.60
C10 I5M K . 15.02 -0.40 16.84
O4 I5M K . 13.69 0.13 16.87
C9 I5M K . 15.18 -1.50 17.88
C15 I5M K . 18.22 -2.75 18.66
C12 I5M K . 19.47 -2.17 18.73
C11 I5M K . 18.36 -1.22 17.12
C14 I5M K . 18.74 -4.16 20.44
N5 I5M K . 19.96 -3.62 20.54
C13 I5M K . 20.35 -2.63 19.70
N4 I5M K . 21.71 -2.05 19.81
C27 I5M K . 20.77 2.96 14.08
N1 AZI L . 13.76 -16.09 -10.18
N2 AZI L . 13.44 -15.99 -9.07
N3 AZI L . 13.11 -15.88 -7.96
#